data_5KSH
#
_entry.id   5KSH
#
_cell.length_a   57.600
_cell.length_b   137.200
_cell.length_c   229.800
_cell.angle_alpha   90.00
_cell.angle_beta   90.00
_cell.angle_gamma   90.00
#
_symmetry.space_group_name_H-M   'P 21 21 21'
#
loop_
_entity.id
_entity.type
_entity.pdbx_description
1 polymer 'Penicillin-binding protein 2'
2 non-polymer GLYCEROL
3 non-polymer 'SULFATE ION'
4 water water
#
_entity_poly.entity_id   1
_entity_poly.type   'polypeptide(L)'
_entity_poly.pdbx_seq_one_letter_code
;GSARGLYLQTVTYNFLKEQGDNRIVRTQALPATRGTVSDRNGAVLALSAPTESLFAVPKDMKEMPSAAQLERLSELVDVP
VDVLRNKLEQKGKSFIWIKRQLDPKVAEEVKALGLENFVFEKELKRHYPMGNLFAHVIGFTDIDGKGQEGLELSLEDSLY
GEDGAEVVLRDRQGNIVDSLDSPRNKAPQNGKDIILSLDQRIQTLAYEELNKAVEYHQAKAGTVVVLDARTGEILALANT
PAYDPNRPGRADSEQRRNRAVTDMIEPGSAIKPFVIAKALDAGKTDLNERLNTQPYKIGPSPVRDTHVYPSLDVRGIMQK
SSNVGTSKLSARFGAEEMYDFYHELGIGVRMHSGFPGETAGLLRNWRRWRPIEQATMSFGYGLQLSLLQLARAYTALTHD
GVLLPLSFEKQAVAPQGKRIFKE(SEP)TAREVRNLMVSVTEPGGTGTAGAVDGFDVGAKTGTTRKLVNGRYVDNKHVGT
FIGFAPAKNPRVIVAVTIDEPTAHGYYGGVVAGSPFKKIMGGSLNILGISPTKPLTAAAVKTPS
;
_entity_poly.pdbx_strand_id   A,B
#
loop_
_chem_comp.id
_chem_comp.type
_chem_comp.name
_chem_comp.formula
GOL non-polymer GLYCEROL 'C3 H8 O3'
SO4 non-polymer 'SULFATE ION' 'O4 S -2'
#
# COMPACT_ATOMS: atom_id res chain seq x y z
N THR A 12 -41.80 23.48 40.35
CA THR A 12 -40.63 23.12 41.23
C THR A 12 -39.65 22.20 40.48
N TYR A 13 -40.05 20.94 40.29
CA TYR A 13 -39.21 19.95 39.58
C TYR A 13 -39.78 19.81 38.17
N ASN A 14 -39.30 20.74 37.33
CA ASN A 14 -39.66 20.84 35.92
C ASN A 14 -39.33 19.57 35.17
N PHE A 15 -38.22 18.91 35.51
CA PHE A 15 -37.77 17.66 34.84
C PHE A 15 -38.81 16.50 34.91
N LEU A 16 -39.65 16.51 35.94
CA LEU A 16 -40.64 15.46 36.22
C LEU A 16 -41.97 15.62 35.48
N LYS A 17 -42.20 16.83 34.97
CA LYS A 17 -43.46 17.22 34.35
C LYS A 17 -43.53 16.83 32.89
N GLU A 18 -44.78 16.65 32.45
CA GLU A 18 -45.17 16.60 31.05
C GLU A 18 -44.62 17.81 30.27
N GLN A 19 -44.26 17.58 29.01
CA GLN A 19 -43.90 18.67 28.10
C GLN A 19 -45.09 19.58 27.81
N GLY A 20 -44.82 20.88 27.79
CA GLY A 20 -45.81 21.91 27.42
C GLY A 20 -45.20 22.86 26.41
N ASP A 21 -45.95 23.91 26.09
CA ASP A 21 -45.44 25.01 25.25
C ASP A 21 -44.24 25.72 25.92
N ASN A 22 -44.17 25.61 27.26
CA ASN A 22 -43.05 26.19 28.05
C ASN A 22 -42.00 25.23 28.68
N ARG A 23 -42.11 23.92 28.39
CA ARG A 23 -41.08 22.92 28.74
C ARG A 23 -40.88 21.93 27.58
N ILE A 24 -39.78 22.10 26.83
CA ILE A 24 -39.51 21.26 25.67
C ILE A 24 -38.20 20.53 25.87
N VAL A 25 -38.26 19.20 25.74
CA VAL A 25 -37.09 18.33 25.76
C VAL A 25 -36.37 18.51 24.42
N ARG A 26 -35.08 18.81 24.54
CA ARG A 26 -34.25 19.08 23.40
C ARG A 26 -32.90 18.35 23.48
N THR A 27 -32.48 17.79 22.37
CA THR A 27 -31.17 17.23 22.28
C THR A 27 -30.30 18.28 21.62
N GLN A 28 -29.39 18.84 22.41
CA GLN A 28 -28.55 19.96 22.01
C GLN A 28 -27.15 19.48 21.60
N ALA A 29 -26.73 19.84 20.41
CA ALA A 29 -25.40 19.48 19.93
C ALA A 29 -24.33 20.15 20.77
N LEU A 30 -23.28 19.39 21.12
CA LEU A 30 -22.00 19.97 21.58
C LEU A 30 -20.96 19.73 20.49
N PRO A 31 -20.79 20.73 19.59
CA PRO A 31 -19.92 20.52 18.40
C PRO A 31 -18.47 20.34 18.78
N ALA A 32 -17.81 19.35 18.16
CA ALA A 32 -16.35 19.17 18.29
C ALA A 32 -15.62 20.35 17.61
N THR A 33 -14.42 20.72 18.09
CA THR A 33 -13.58 21.70 17.36
C THR A 33 -12.76 20.98 16.27
N ARG A 34 -12.91 21.43 15.03
CA ARG A 34 -12.20 20.81 13.91
C ARG A 34 -10.69 21.04 14.10
N GLY A 35 -9.84 20.09 13.71
CA GLY A 35 -8.38 20.24 13.78
C GLY A 35 -7.87 21.54 13.15
N THR A 36 -6.74 22.03 13.62
CA THR A 36 -6.13 23.21 13.00
C THR A 36 -5.10 22.70 12.01
N VAL A 37 -4.88 23.47 10.95
CA VAL A 37 -3.81 23.18 10.02
C VAL A 37 -2.74 24.28 10.14
N SER A 38 -1.48 23.84 10.26
CA SER A 38 -0.34 24.72 10.43
C SER A 38 0.72 24.48 9.41
N ASP A 39 1.59 25.49 9.22
CA ASP A 39 2.76 25.31 8.39
C ASP A 39 3.82 24.61 9.22
N ARG A 40 5.00 24.38 8.64
CA ARG A 40 6.01 23.57 9.30
C ARG A 40 6.64 24.26 10.52
N ASN A 41 6.49 25.60 10.60
CA ASN A 41 7.04 26.42 11.69
C ASN A 41 6.03 26.88 12.73
N GLY A 42 4.77 26.48 12.59
CA GLY A 42 3.73 26.79 13.60
C GLY A 42 2.66 27.77 13.18
N ALA A 43 2.82 28.42 12.02
CA ALA A 43 1.87 29.43 11.56
C ALA A 43 0.50 28.83 11.22
N VAL A 44 -0.56 29.40 11.78
CA VAL A 44 -1.92 28.87 11.63
C VAL A 44 -2.49 29.18 10.25
N LEU A 45 -2.99 28.16 9.57
CA LEU A 45 -3.45 28.26 8.19
C LEU A 45 -4.96 28.01 8.08
N ALA A 46 -5.46 27.24 9.04
CA ALA A 46 -6.87 26.83 9.09
C ALA A 46 -7.25 26.55 10.54
N LEU A 47 -8.34 27.18 10.97
CA LEU A 47 -8.86 26.96 12.33
C LEU A 47 -10.33 27.29 12.40
N SER A 48 -10.98 26.74 13.42
CA SER A 48 -12.38 26.97 13.66
C SER A 48 -12.63 27.91 14.82
N ALA A 49 -13.70 28.69 14.70
CA ALA A 49 -14.15 29.69 15.69
C ALA A 49 -15.69 29.56 15.85
N PRO A 50 -16.23 29.72 17.09
CA PRO A 50 -17.72 29.68 17.26
C PRO A 50 -18.46 30.81 16.50
N THR A 51 -19.64 30.47 15.97
CA THR A 51 -20.64 31.47 15.52
C THR A 51 -22.05 31.15 16.07
N GLU A 123 -22.81 26.44 16.66
CA GLU A 123 -21.99 25.84 15.59
C GLU A 123 -20.56 26.41 15.57
N LEU A 124 -19.74 25.87 14.67
CA LEU A 124 -18.40 26.36 14.42
C LEU A 124 -18.25 26.88 12.98
N LYS A 125 -17.34 27.84 12.79
CA LYS A 125 -16.97 28.39 11.48
C LYS A 125 -15.46 28.31 11.20
N ARG A 126 -15.11 27.93 9.97
CA ARG A 126 -13.73 27.78 9.52
C ARG A 126 -13.06 29.10 9.09
N HIS A 127 -11.82 29.31 9.51
CA HIS A 127 -11.14 30.54 9.16
C HIS A 127 -9.81 30.17 8.56
N TYR A 128 -9.54 30.73 7.38
CA TYR A 128 -8.19 30.71 6.77
C TYR A 128 -7.51 32.08 6.90
N PRO A 129 -6.67 32.27 7.94
CA PRO A 129 -6.09 33.63 8.19
C PRO A 129 -5.27 34.17 7.04
N MET A 130 -4.69 33.28 6.24
CA MET A 130 -3.80 33.72 5.18
C MET A 130 -4.50 33.87 3.84
N GLY A 131 -5.84 33.84 3.82
CA GLY A 131 -6.63 34.00 2.60
C GLY A 131 -6.31 32.96 1.51
N ASN A 132 -6.08 33.49 0.31
CA ASN A 132 -5.89 32.68 -0.89
C ASN A 132 -4.51 32.01 -1.07
N LEU A 133 -3.63 32.15 -0.08
CA LEU A 133 -2.24 31.72 -0.17
C LEU A 133 -2.04 30.20 -0.30
N PHE A 134 -2.77 29.47 0.55
CA PHE A 134 -2.80 27.99 0.50
C PHE A 134 -4.15 27.51 -0.02
N ALA A 135 -4.77 28.24 -0.94
CA ALA A 135 -6.12 27.91 -1.42
C ALA A 135 -6.29 26.45 -1.91
N HIS A 136 -5.40 26.02 -2.79
CA HIS A 136 -5.55 24.71 -3.43
C HIS A 136 -5.14 23.51 -2.59
N VAL A 137 -4.10 23.71 -1.78
CA VAL A 137 -3.58 22.70 -0.87
C VAL A 137 -4.63 22.36 0.19
N ILE A 138 -5.16 23.39 0.88
CA ILE A 138 -6.00 23.16 2.03
C ILE A 138 -7.44 22.89 1.59
N GLY A 139 -7.87 23.55 0.52
CA GLY A 139 -9.28 23.58 0.12
C GLY A 139 -10.22 24.19 1.15
N PHE A 140 -11.46 23.68 1.24
CA PHE A 140 -12.48 24.25 2.14
C PHE A 140 -13.45 23.20 2.69
N THR A 141 -14.32 23.65 3.61
CA THR A 141 -15.39 22.84 4.19
C THR A 141 -16.72 23.38 3.69
N ASP A 142 -17.78 22.59 3.82
CA ASP A 142 -19.13 23.04 3.46
C ASP A 142 -19.80 23.74 4.66
N ILE A 143 -21.01 24.25 4.49
CA ILE A 143 -21.71 24.89 5.63
C ILE A 143 -21.84 24.03 6.92
N ASP A 144 -21.73 22.69 6.80
CA ASP A 144 -21.79 21.80 7.97
C ASP A 144 -20.44 21.44 8.62
N GLY A 145 -19.35 22.09 8.20
CA GLY A 145 -18.01 21.76 8.69
C GLY A 145 -17.40 20.47 8.15
N LYS A 146 -17.95 19.93 7.05
CA LYS A 146 -17.37 18.75 6.39
C LYS A 146 -16.46 19.21 5.25
N GLY A 147 -15.26 18.61 5.20
CA GLY A 147 -14.34 18.79 4.06
C GLY A 147 -15.04 18.63 2.72
N GLN A 148 -14.78 19.56 1.81
CA GLN A 148 -15.32 19.49 0.46
C GLN A 148 -14.22 19.33 -0.62
N GLU A 149 -13.08 19.98 -0.43
CA GLU A 149 -11.98 19.97 -1.40
C GLU A 149 -10.66 20.04 -0.65
N GLY A 150 -9.58 19.68 -1.33
CA GLY A 150 -8.20 19.77 -0.82
C GLY A 150 -7.97 18.85 0.37
N LEU A 151 -6.99 19.21 1.18
CA LEU A 151 -6.73 18.49 2.43
C LEU A 151 -7.88 18.50 3.44
N GLU A 152 -8.78 19.50 3.36
CA GLU A 152 -9.98 19.49 4.19
C GLU A 152 -10.81 18.24 3.91
N LEU A 153 -10.93 17.87 2.63
CA LEU A 153 -11.62 16.65 2.23
C LEU A 153 -10.84 15.39 2.59
N SER A 154 -9.57 15.28 2.18
CA SER A 154 -8.87 13.98 2.29
C SER A 154 -8.46 13.68 3.75
N LEU A 155 -8.37 14.71 4.58
CA LEU A 155 -8.06 14.52 6.01
C LEU A 155 -9.29 14.56 6.93
N GLU A 156 -10.48 14.59 6.32
CA GLU A 156 -11.78 14.69 6.99
C GLU A 156 -11.90 13.81 8.23
N ASP A 157 -11.34 12.62 8.17
CA ASP A 157 -11.46 11.60 9.23
C ASP A 157 -10.74 11.93 10.52
N SER A 158 -9.56 12.53 10.45
CA SER A 158 -8.85 12.86 11.66
C SER A 158 -9.10 14.31 12.06
N LEU A 159 -9.48 15.15 11.11
CA LEU A 159 -9.75 16.58 11.34
C LEU A 159 -11.07 16.88 12.06
N TYR A 160 -12.11 16.08 11.81
CA TYR A 160 -13.45 16.45 12.25
C TYR A 160 -13.63 16.27 13.76
N GLY A 161 -13.15 15.14 14.29
CA GLY A 161 -13.43 14.72 15.67
C GLY A 161 -14.82 14.11 15.76
N GLU A 162 -15.42 14.18 16.94
CA GLU A 162 -16.74 13.58 17.20
C GLU A 162 -17.56 14.58 17.99
N ASP A 163 -18.65 15.01 17.39
CA ASP A 163 -19.64 15.85 18.04
C ASP A 163 -20.24 15.15 19.26
N GLY A 164 -20.49 15.93 20.30
CA GLY A 164 -21.13 15.41 21.50
C GLY A 164 -22.54 15.94 21.49
N ALA A 165 -23.28 15.59 22.54
CA ALA A 165 -24.67 15.99 22.68
C ALA A 165 -25.06 15.99 24.18
N GLU A 166 -26.11 16.72 24.51
CA GLU A 166 -26.76 16.63 25.82
C GLU A 166 -28.25 16.92 25.73
N VAL A 167 -29.00 16.33 26.65
CA VAL A 167 -30.46 16.44 26.67
C VAL A 167 -30.81 17.48 27.73
N VAL A 168 -31.57 18.48 27.30
CA VAL A 168 -31.95 19.57 28.17
C VAL A 168 -33.47 19.77 28.10
N LEU A 169 -33.99 20.43 29.13
CA LEU A 169 -35.33 20.99 29.10
C LEU A 169 -35.20 22.47 28.85
N ARG A 170 -35.80 22.96 27.77
CA ARG A 170 -35.82 24.40 27.46
C ARG A 170 -37.23 25.01 27.61
N ASP A 171 -37.31 26.34 27.64
CA ASP A 171 -38.59 27.02 27.47
C ASP A 171 -38.70 27.60 26.07
N ARG A 172 -39.81 28.31 25.77
CA ARG A 172 -40.05 28.79 24.40
C ARG A 172 -39.10 29.89 23.92
N GLN A 173 -38.49 30.63 24.86
CA GLN A 173 -37.39 31.58 24.55
C GLN A 173 -36.07 30.90 24.22
N GLY A 174 -35.90 29.66 24.67
CA GLY A 174 -34.66 28.90 24.44
C GLY A 174 -33.76 28.82 25.68
N ASN A 175 -34.26 29.28 26.82
CA ASN A 175 -33.53 29.22 28.09
C ASN A 175 -33.44 27.77 28.59
N ILE A 176 -32.24 27.34 28.99
CA ILE A 176 -32.05 26.03 29.61
C ILE A 176 -32.59 26.04 31.02
N VAL A 177 -33.64 25.26 31.20
CA VAL A 177 -34.33 25.15 32.47
C VAL A 177 -33.78 23.99 33.30
N ASP A 178 -33.44 22.87 32.65
CA ASP A 178 -32.89 21.69 33.31
C ASP A 178 -31.95 20.95 32.41
N SER A 179 -30.89 20.42 33.01
CA SER A 179 -30.01 19.45 32.39
C SER A 179 -30.49 18.05 32.78
N LEU A 180 -30.78 17.21 31.79
CA LEU A 180 -31.45 15.89 32.01
C LEU A 180 -30.49 14.70 32.01
N ASP A 181 -30.57 13.82 33.01
CA ASP A 181 -29.86 12.51 33.03
C ASP A 181 -30.15 11.76 31.73
N SER A 182 -29.11 11.29 31.04
CA SER A 182 -29.29 10.51 29.83
C SER A 182 -27.99 9.84 29.36
N PRO A 183 -28.09 8.59 28.86
CA PRO A 183 -26.93 7.92 28.23
C PRO A 183 -26.55 8.59 26.92
N ARG A 184 -27.39 9.49 26.41
CA ARG A 184 -27.03 10.27 25.22
C ARG A 184 -26.09 11.44 25.49
N ASN A 185 -25.93 11.85 26.77
CA ASN A 185 -25.01 12.95 27.15
C ASN A 185 -23.55 12.52 26.97
N LYS A 186 -22.85 13.19 26.06
CA LYS A 186 -21.49 12.80 25.62
C LYS A 186 -20.74 14.05 25.36
N ALA A 187 -19.50 14.07 25.82
CA ALA A 187 -18.62 15.20 25.55
C ALA A 187 -18.12 15.07 24.10
N PRO A 188 -17.84 16.22 23.43
CA PRO A 188 -17.20 16.20 22.14
C PRO A 188 -15.72 15.76 22.21
N GLN A 189 -15.25 15.10 21.14
CA GLN A 189 -13.82 14.81 20.94
C GLN A 189 -13.38 15.72 19.80
N ASN A 190 -12.57 16.73 20.13
CA ASN A 190 -11.97 17.59 19.10
C ASN A 190 -11.13 16.85 18.05
N GLY A 191 -11.09 17.38 16.84
CA GLY A 191 -10.25 16.82 15.78
C GLY A 191 -8.77 16.87 16.07
N LYS A 192 -8.01 16.10 15.31
CA LYS A 192 -6.56 16.05 15.42
C LYS A 192 -5.94 17.18 14.60
N ASP A 193 -4.93 17.86 15.17
CA ASP A 193 -4.19 18.94 14.51
C ASP A 193 -3.15 18.42 13.55
N ILE A 194 -2.98 19.14 12.43
CA ILE A 194 -1.99 18.76 11.37
C ILE A 194 -0.93 19.85 11.16
N ILE A 195 0.32 19.42 11.11
CA ILE A 195 1.45 20.23 10.73
C ILE A 195 1.91 19.82 9.32
N LEU A 196 1.56 20.65 8.35
CA LEU A 196 2.06 20.59 6.98
C LEU A 196 3.56 20.79 6.89
N SER A 197 4.13 20.20 5.84
CA SER A 197 5.54 20.32 5.58
C SER A 197 5.84 21.64 4.86
N LEU A 198 4.80 22.34 4.42
CA LEU A 198 4.91 23.55 3.59
C LEU A 198 5.36 24.72 4.46
N ASP A 199 6.15 25.61 3.85
CA ASP A 199 6.72 26.77 4.55
C ASP A 199 6.07 28.01 3.97
N GLN A 200 5.39 28.77 4.82
CA GLN A 200 4.67 29.97 4.35
C GLN A 200 5.55 31.03 3.70
N ARG A 201 6.83 31.07 4.12
CA ARG A 201 7.80 31.99 3.53
C ARG A 201 8.02 31.62 2.08
N ILE A 202 8.25 30.32 1.82
CA ILE A 202 8.47 29.79 0.47
C ILE A 202 7.14 29.83 -0.32
N GLN A 203 6.03 29.52 0.35
CA GLN A 203 4.71 29.62 -0.28
C GLN A 203 4.41 31.05 -0.81
N THR A 204 4.70 32.06 0.01
CA THR A 204 4.58 33.48 -0.35
C THR A 204 5.46 33.85 -1.55
N LEU A 205 6.75 33.55 -1.44
CA LEU A 205 7.64 33.74 -2.55
C LEU A 205 7.13 33.00 -3.84
N ALA A 206 6.69 31.74 -3.74
CA ALA A 206 6.15 31.03 -4.93
C ALA A 206 4.88 31.70 -5.49
N TYR A 207 3.96 32.10 -4.60
CA TYR A 207 2.70 32.76 -4.96
C TYR A 207 2.94 34.04 -5.75
N GLU A 208 3.82 34.91 -5.23
CA GLU A 208 4.06 36.23 -5.80
C GLU A 208 4.75 36.17 -7.15
N GLU A 209 5.76 35.32 -7.27
CA GLU A 209 6.51 35.17 -8.51
C GLU A 209 5.69 34.48 -9.59
N LEU A 210 4.83 33.54 -9.19
CA LEU A 210 4.00 32.84 -10.16
C LEU A 210 3.05 33.82 -10.83
N ASN A 211 2.33 34.58 -9.99
CA ASN A 211 1.40 35.65 -10.39
C ASN A 211 2.06 36.72 -11.28
N LYS A 212 3.29 37.12 -10.92
CA LYS A 212 4.09 38.11 -11.70
C LYS A 212 4.34 37.59 -13.12
N ALA A 213 4.75 36.33 -13.22
CA ALA A 213 5.04 35.73 -14.53
C ALA A 213 3.76 35.56 -15.35
N VAL A 214 2.70 35.10 -14.71
CA VAL A 214 1.43 34.87 -15.42
C VAL A 214 0.85 36.17 -15.99
N GLU A 215 0.83 37.23 -15.16
CA GLU A 215 0.33 38.57 -15.51
C GLU A 215 1.17 39.18 -16.62
N TYR A 216 2.50 39.10 -16.50
CA TYR A 216 3.44 39.64 -17.50
C TYR A 216 3.31 38.96 -18.88
N HIS A 217 3.31 37.63 -18.90
CA HIS A 217 3.17 36.88 -20.14
C HIS A 217 1.71 36.73 -20.60
N GLN A 218 0.77 37.25 -19.81
CA GLN A 218 -0.68 37.23 -20.13
C GLN A 218 -1.19 35.81 -20.36
N ALA A 219 -0.65 34.90 -19.53
CA ALA A 219 -0.94 33.48 -19.55
C ALA A 219 -2.34 33.22 -19.01
N LYS A 220 -2.89 32.06 -19.34
CA LYS A 220 -4.19 31.62 -18.80
C LYS A 220 -4.08 31.20 -17.33
N ALA A 221 -2.93 30.62 -16.96
CA ALA A 221 -2.76 29.89 -15.70
C ALA A 221 -1.29 29.54 -15.49
N GLY A 222 -0.95 29.14 -14.27
CA GLY A 222 0.38 28.67 -13.93
C GLY A 222 0.39 27.83 -12.68
N THR A 223 1.48 27.10 -12.47
CA THR A 223 1.66 26.24 -11.30
C THR A 223 3.10 26.29 -10.86
N VAL A 224 3.36 26.19 -9.55
CA VAL A 224 4.72 26.04 -9.00
C VAL A 224 4.70 24.96 -7.91
N VAL A 225 5.71 24.11 -7.90
CA VAL A 225 5.93 23.15 -6.83
C VAL A 225 7.34 23.42 -6.34
N VAL A 226 7.52 23.45 -5.02
CA VAL A 226 8.85 23.50 -4.45
C VAL A 226 8.96 22.29 -3.54
N LEU A 227 10.01 21.49 -3.71
CA LEU A 227 10.25 20.36 -2.84
C LEU A 227 11.58 20.43 -2.09
N ASP A 228 11.63 19.82 -0.91
CA ASP A 228 12.89 19.52 -0.25
C ASP A 228 13.51 18.36 -1.02
N ALA A 229 14.65 18.62 -1.65
CA ALA A 229 15.32 17.66 -2.55
C ALA A 229 15.86 16.40 -1.85
N ARG A 230 15.95 16.40 -0.52
CA ARG A 230 16.47 15.29 0.26
C ARG A 230 15.40 14.48 1.00
N THR A 231 14.20 15.05 1.18
CA THR A 231 13.17 14.43 2.02
C THR A 231 11.86 14.19 1.26
N GLY A 232 11.72 14.80 0.08
CA GLY A 232 10.47 14.75 -0.70
C GLY A 232 9.30 15.58 -0.10
N GLU A 233 9.55 16.31 0.99
CA GLU A 233 8.54 17.19 1.57
C GLU A 233 8.16 18.32 0.62
N ILE A 234 6.86 18.59 0.50
CA ILE A 234 6.41 19.71 -0.31
C ILE A 234 6.61 20.97 0.52
N LEU A 235 7.41 21.92 0.02
CA LEU A 235 7.66 23.20 0.71
C LEU A 235 6.72 24.28 0.25
N ALA A 236 6.24 24.16 -0.98
CA ALA A 236 5.27 25.11 -1.53
C ALA A 236 4.54 24.48 -2.68
N LEU A 237 3.27 24.83 -2.85
CA LEU A 237 2.50 24.35 -3.99
C LEU A 237 1.41 25.38 -4.23
N ALA A 238 1.46 26.06 -5.38
CA ALA A 238 0.44 27.06 -5.71
C ALA A 238 0.10 26.95 -7.18
N ASN A 239 -1.16 27.22 -7.51
CA ASN A 239 -1.65 27.42 -8.87
C ASN A 239 -2.29 28.81 -8.93
N THR A 240 -2.32 29.38 -10.13
CA THR A 240 -3.16 30.52 -10.43
C THR A 240 -3.95 30.19 -11.70
N PRO A 241 -5.23 30.60 -11.86
CA PRO A 241 -5.99 31.45 -10.91
C PRO A 241 -6.38 30.71 -9.63
N ALA A 242 -6.60 31.44 -8.56
CA ALA A 242 -6.92 30.88 -7.27
C ALA A 242 -8.24 31.50 -6.75
N TYR A 243 -8.53 31.38 -5.48
CA TYR A 243 -9.76 31.92 -4.90
C TYR A 243 -9.53 32.13 -3.42
N ASP A 244 -10.42 32.89 -2.77
CA ASP A 244 -10.45 33.01 -1.34
C ASP A 244 -11.27 31.82 -0.78
N PRO A 245 -10.59 30.90 -0.04
CA PRO A 245 -11.28 29.78 0.62
C PRO A 245 -12.21 30.21 1.75
N ASN A 246 -12.10 31.46 2.22
CA ASN A 246 -13.11 32.03 3.13
C ASN A 246 -14.41 32.33 2.37
N ARG A 247 -14.34 32.42 1.05
CA ARG A 247 -15.55 32.64 0.25
C ARG A 247 -15.54 31.76 -1.00
N PRO A 248 -15.71 30.42 -0.82
CA PRO A 248 -15.60 29.47 -1.96
C PRO A 248 -16.80 29.45 -2.91
N GLY A 249 -17.94 30.00 -2.48
CA GLY A 249 -19.17 30.03 -3.27
C GLY A 249 -19.10 30.78 -4.60
N ARG A 250 -18.41 31.90 -4.64
CA ARG A 250 -18.22 32.62 -5.92
C ARG A 250 -17.16 32.00 -6.86
N ALA A 251 -16.27 31.20 -6.29
CA ALA A 251 -15.17 30.58 -7.04
C ALA A 251 -15.58 29.57 -8.14
N ASP A 252 -15.16 29.88 -9.37
CA ASP A 252 -15.23 29.00 -10.56
C ASP A 252 -14.65 27.64 -10.32
N SER A 253 -15.13 26.69 -11.12
CA SER A 253 -14.42 25.44 -11.37
C SER A 253 -12.92 25.62 -11.72
N GLU A 254 -12.61 26.57 -12.62
CA GLU A 254 -11.22 26.82 -13.06
C GLU A 254 -10.35 27.47 -11.96
N GLN A 255 -10.96 28.32 -11.15
CA GLN A 255 -10.31 28.88 -9.96
C GLN A 255 -10.09 27.82 -8.88
N ARG A 256 -11.00 26.87 -8.75
CA ARG A 256 -10.93 25.88 -7.70
C ARG A 256 -9.98 24.71 -8.01
N ARG A 257 -9.62 24.49 -9.28
CA ARG A 257 -8.84 23.29 -9.64
C ARG A 257 -7.39 23.33 -9.15
N ASN A 258 -6.99 22.30 -8.41
CA ASN A 258 -5.60 22.14 -7.95
C ASN A 258 -4.73 21.56 -9.06
N ARG A 259 -4.29 22.43 -9.98
CA ARG A 259 -3.63 22.06 -11.24
C ARG A 259 -2.37 21.22 -11.08
N ALA A 260 -1.54 21.54 -10.09
CA ALA A 260 -0.34 20.73 -9.80
C ALA A 260 -0.64 19.23 -9.60
N VAL A 261 -1.80 18.90 -9.05
CA VAL A 261 -2.12 17.48 -8.79
C VAL A 261 -3.13 16.89 -9.80
N THR A 262 -4.03 17.72 -10.37
CA THR A 262 -5.15 17.22 -11.21
C THR A 262 -4.87 17.17 -12.72
N ASP A 263 -3.89 17.93 -13.19
CA ASP A 263 -3.69 18.13 -14.63
C ASP A 263 -2.47 17.34 -15.07
N MET A 264 -2.61 16.61 -16.17
CA MET A 264 -1.46 15.92 -16.75
C MET A 264 -0.94 16.79 -17.87
N ILE A 265 0.38 16.84 -18.02
CA ILE A 265 1.03 17.55 -19.14
C ILE A 265 2.03 16.63 -19.87
N GLU A 266 2.39 17.00 -21.08
CA GLU A 266 3.56 16.42 -21.73
C GLU A 266 4.81 17.05 -21.13
N PRO A 267 5.73 16.19 -20.65
CA PRO A 267 6.91 16.77 -20.00
C PRO A 267 7.89 17.39 -20.99
N GLY A 268 7.83 16.99 -22.26
CA GLY A 268 8.73 17.54 -23.29
C GLY A 268 10.17 17.33 -22.84
N SER A 269 11.00 18.37 -22.96
CA SER A 269 12.41 18.24 -22.61
C SER A 269 12.72 17.77 -21.18
N ALA A 270 11.79 17.98 -20.24
CA ALA A 270 12.00 17.66 -18.85
C ALA A 270 12.24 16.17 -18.54
N ILE A 271 11.81 15.27 -19.43
CA ILE A 271 12.04 13.84 -19.22
C ILE A 271 13.45 13.35 -19.62
N LYS A 272 14.12 14.14 -20.47
CA LYS A 272 15.41 13.74 -21.09
C LYS A 272 16.49 13.29 -20.11
N PRO A 273 16.66 13.98 -18.96
CA PRO A 273 17.69 13.52 -18.04
C PRO A 273 17.50 12.09 -17.55
N PHE A 274 16.26 11.61 -17.54
CA PHE A 274 15.99 10.28 -17.04
C PHE A 274 16.45 9.21 -18.02
N VAL A 275 16.26 9.49 -19.32
CA VAL A 275 16.64 8.60 -20.42
C VAL A 275 18.17 8.45 -20.46
N ILE A 276 18.85 9.60 -20.40
CA ILE A 276 20.29 9.69 -20.36
C ILE A 276 20.83 8.95 -19.11
N ALA A 277 20.25 9.23 -17.94
CA ALA A 277 20.59 8.52 -16.68
C ALA A 277 20.45 6.98 -16.75
N LYS A 278 19.31 6.52 -17.28
CA LYS A 278 19.09 5.09 -17.59
C LYS A 278 20.20 4.47 -18.48
N ALA A 279 20.45 5.09 -19.63
CA ALA A 279 21.48 4.60 -20.59
C ALA A 279 22.87 4.51 -19.96
N LEU A 280 23.21 5.51 -19.13
CA LEU A 280 24.43 5.55 -18.32
C LEU A 280 24.42 4.47 -17.22
N ASP A 281 23.30 4.35 -16.52
CA ASP A 281 23.17 3.43 -15.38
C ASP A 281 23.36 1.97 -15.81
N ALA A 282 22.81 1.61 -16.97
CA ALA A 282 22.88 0.24 -17.48
C ALA A 282 24.14 -0.01 -18.35
N GLY A 283 25.02 1.00 -18.42
CA GLY A 283 26.27 0.91 -19.18
C GLY A 283 26.10 0.83 -20.69
N LYS A 284 24.96 1.31 -21.20
CA LYS A 284 24.73 1.36 -22.65
C LYS A 284 25.47 2.51 -23.30
N THR A 285 25.90 3.47 -22.48
CA THR A 285 26.81 4.54 -22.90
C THR A 285 27.73 4.95 -21.75
N ASP A 286 28.64 5.89 -22.04
CA ASP A 286 29.47 6.50 -21.01
C ASP A 286 29.79 7.97 -21.31
N LEU A 287 30.62 8.55 -20.44
CA LEU A 287 31.01 9.94 -20.51
C LEU A 287 31.54 10.35 -21.89
N ASN A 288 32.54 9.61 -22.39
CA ASN A 288 33.27 10.01 -23.60
C ASN A 288 32.88 9.40 -24.97
N GLU A 289 31.76 8.67 -25.02
CA GLU A 289 31.16 8.27 -26.32
C GLU A 289 30.66 9.50 -27.06
N ARG A 290 31.07 9.65 -28.31
CA ARG A 290 30.47 10.63 -29.20
C ARG A 290 29.51 9.86 -30.07
N LEU A 291 28.25 10.26 -30.09
CA LEU A 291 27.35 9.66 -31.05
C LEU A 291 27.01 10.54 -32.20
N ASN A 292 26.62 9.90 -33.29
CA ASN A 292 26.17 10.59 -34.47
C ASN A 292 24.80 11.16 -34.16
N THR A 293 24.71 12.49 -34.19
CA THR A 293 23.45 13.14 -33.85
C THR A 293 22.82 13.87 -35.03
N GLN A 294 23.12 13.39 -36.23
CA GLN A 294 22.53 13.89 -37.46
C GLN A 294 21.05 13.54 -37.46
N PRO A 295 20.18 14.42 -37.99
CA PRO A 295 18.77 14.02 -38.11
C PRO A 295 18.62 12.73 -38.96
N TYR A 296 17.67 11.87 -38.58
CA TYR A 296 17.50 10.57 -39.23
C TYR A 296 16.01 10.27 -39.36
N LYS A 297 15.67 9.10 -39.87
CA LYS A 297 14.28 8.69 -40.03
C LYS A 297 14.03 7.31 -39.44
N ILE A 298 12.86 7.17 -38.79
CA ILE A 298 12.35 5.86 -38.37
C ILE A 298 11.24 5.53 -39.36
N GLY A 299 11.61 4.82 -40.42
CA GLY A 299 10.74 4.60 -41.57
C GLY A 299 10.47 5.93 -42.26
N PRO A 300 9.19 6.38 -42.32
CA PRO A 300 8.83 7.67 -42.93
C PRO A 300 9.00 8.88 -42.01
N SER A 301 8.66 8.71 -40.72
CA SER A 301 8.65 9.80 -39.74
C SER A 301 10.07 10.28 -39.35
N PRO A 302 10.33 11.58 -39.54
CA PRO A 302 11.66 12.14 -39.25
C PRO A 302 11.85 12.49 -37.76
N VAL A 303 13.11 12.40 -37.30
CA VAL A 303 13.53 12.78 -35.95
C VAL A 303 14.70 13.74 -36.14
N ARG A 304 14.52 14.98 -35.68
CA ARG A 304 15.51 16.03 -35.93
C ARG A 304 15.64 16.93 -34.70
N ASP A 305 16.73 17.69 -34.62
CA ASP A 305 16.83 18.76 -33.61
C ASP A 305 16.44 20.09 -34.23
N THR A 306 16.59 21.14 -33.44
CA THR A 306 16.38 22.52 -33.87
C THR A 306 17.48 22.91 -34.84
N HIS A 307 18.70 22.53 -34.50
CA HIS A 307 19.91 22.79 -35.29
C HIS A 307 20.55 21.44 -35.62
N VAL A 308 21.31 21.39 -36.70
CA VAL A 308 22.03 20.17 -37.00
C VAL A 308 23.31 20.17 -36.13
N TYR A 309 23.48 19.10 -35.35
CA TYR A 309 24.72 18.81 -34.63
C TYR A 309 25.24 17.49 -35.20
N PRO A 310 26.39 17.51 -35.90
CA PRO A 310 26.89 16.23 -36.49
C PRO A 310 27.13 15.14 -35.44
N SER A 311 27.81 15.48 -34.33
CA SER A 311 28.09 14.56 -33.23
C SER A 311 28.05 15.30 -31.90
N LEU A 312 27.70 14.58 -30.82
CA LEU A 312 27.74 15.12 -29.45
C LEU A 312 28.09 14.01 -28.47
N ASP A 313 28.73 14.35 -27.37
CA ASP A 313 28.87 13.38 -26.29
C ASP A 313 27.65 13.47 -25.39
N VAL A 314 27.62 12.71 -24.31
CA VAL A 314 26.44 12.71 -23.41
C VAL A 314 26.16 14.11 -22.81
N ARG A 315 27.24 14.82 -22.44
CA ARG A 315 27.18 16.21 -21.99
C ARG A 315 26.52 17.12 -23.03
N GLY A 316 27.02 17.09 -24.28
CA GLY A 316 26.39 17.82 -25.38
C GLY A 316 24.89 17.51 -25.55
N ILE A 317 24.53 16.23 -25.49
CA ILE A 317 23.14 15.80 -25.63
C ILE A 317 22.27 16.49 -24.56
N MET A 318 22.76 16.50 -23.31
CA MET A 318 22.11 17.21 -22.18
C MET A 318 22.03 18.71 -22.44
N GLN A 319 23.19 19.33 -22.63
CA GLN A 319 23.37 20.76 -22.89
C GLN A 319 22.49 21.32 -24.01
N LYS A 320 22.44 20.62 -25.14
CA LYS A 320 21.73 21.10 -26.33
C LYS A 320 20.28 20.63 -26.36
N SER A 321 19.91 19.80 -25.39
CA SER A 321 18.59 19.14 -25.33
C SER A 321 18.25 18.40 -26.65
N SER A 322 19.25 17.70 -27.20
CA SER A 322 19.13 16.99 -28.48
C SER A 322 18.08 15.87 -28.44
N ASN A 323 17.02 16.05 -29.23
CA ASN A 323 16.01 15.00 -29.50
C ASN A 323 16.60 13.78 -30.16
N VAL A 324 17.62 13.99 -31.00
CA VAL A 324 18.27 12.92 -31.75
C VAL A 324 19.07 12.03 -30.79
N GLY A 325 19.96 12.64 -30.01
CA GLY A 325 20.79 11.92 -29.05
C GLY A 325 19.98 11.14 -28.04
N THR A 326 19.00 11.80 -27.44
CA THR A 326 18.08 11.19 -26.48
C THR A 326 17.35 9.96 -27.04
N SER A 327 16.72 10.09 -28.21
CA SER A 327 15.93 9.01 -28.84
C SER A 327 16.80 7.82 -29.26
N LYS A 328 18.01 8.15 -29.70
CA LYS A 328 19.04 7.16 -29.95
C LYS A 328 19.44 6.41 -28.70
N LEU A 329 19.67 7.09 -27.58
CA LEU A 329 19.98 6.38 -26.32
C LEU A 329 18.85 5.47 -25.84
N SER A 330 17.62 5.99 -25.91
CA SER A 330 16.43 5.22 -25.60
C SER A 330 16.30 4.00 -26.53
N ALA A 331 16.60 4.18 -27.82
CA ALA A 331 16.56 3.06 -28.81
C ALA A 331 17.55 1.90 -28.54
N ARG A 332 18.36 2.01 -27.49
CA ARG A 332 19.27 0.91 -27.11
C ARG A 332 18.65 -0.03 -26.03
N PHE A 333 17.41 0.29 -25.60
CA PHE A 333 16.61 -0.57 -24.76
C PHE A 333 15.39 -1.04 -25.54
N GLY A 334 14.85 -2.21 -25.19
CA GLY A 334 13.55 -2.68 -25.71
C GLY A 334 12.38 -1.83 -25.20
N ALA A 335 11.25 -1.94 -25.90
CA ALA A 335 10.03 -1.22 -25.58
C ALA A 335 9.54 -1.56 -24.17
N GLU A 336 9.60 -2.84 -23.80
CA GLU A 336 9.20 -3.26 -22.45
C GLU A 336 10.05 -2.59 -21.35
N GLU A 337 11.37 -2.58 -21.54
CA GLU A 337 12.33 -2.10 -20.56
C GLU A 337 12.20 -0.58 -20.31
N MET A 338 11.96 0.20 -21.37
CA MET A 338 11.69 1.62 -21.26
C MET A 338 10.36 1.88 -20.57
N TYR A 339 9.37 1.04 -20.89
CA TYR A 339 8.07 1.13 -20.25
C TYR A 339 8.15 0.91 -18.74
N ASP A 340 8.86 -0.14 -18.31
CA ASP A 340 8.99 -0.46 -16.90
C ASP A 340 9.62 0.69 -16.13
N PHE A 341 10.56 1.35 -16.79
CA PHE A 341 11.31 2.48 -16.29
C PHE A 341 10.44 3.72 -16.08
N TYR A 342 9.67 4.10 -17.11
CA TYR A 342 8.72 5.22 -17.00
C TYR A 342 7.69 4.94 -15.91
N HIS A 343 7.29 3.66 -15.80
CA HIS A 343 6.37 3.19 -14.79
C HIS A 343 6.99 3.33 -13.39
N GLU A 344 8.22 2.85 -13.21
CA GLU A 344 8.94 2.97 -11.92
C GLU A 344 9.17 4.46 -11.51
N LEU A 345 9.22 5.37 -12.48
CA LEU A 345 9.32 6.79 -12.22
C LEU A 345 7.99 7.38 -11.79
N GLY A 346 6.91 6.62 -11.92
CA GLY A 346 5.59 7.07 -11.48
C GLY A 346 4.68 7.46 -12.63
N ILE A 347 5.18 7.42 -13.88
CA ILE A 347 4.36 7.85 -15.02
C ILE A 347 3.27 6.80 -15.33
N GLY A 348 2.03 7.28 -15.41
CA GLY A 348 0.86 6.49 -15.79
C GLY A 348 0.06 5.82 -14.67
N VAL A 349 0.53 5.92 -13.43
CA VAL A 349 -0.32 5.60 -12.28
C VAL A 349 -0.54 6.82 -11.33
N ARG A 350 -1.57 6.74 -10.47
CA ARG A 350 -1.75 7.77 -9.44
C ARG A 350 -0.59 7.69 -8.45
N MET A 351 -0.10 8.86 -8.04
CA MET A 351 0.89 8.98 -6.97
C MET A 351 0.42 8.47 -5.59
N HIS A 352 -0.88 8.56 -5.27
CA HIS A 352 -1.41 8.36 -3.90
C HIS A 352 -0.68 9.23 -2.84
N SER A 353 -0.53 10.51 -3.15
CA SER A 353 0.12 11.51 -2.28
C SER A 353 -0.69 11.80 -1.03
N GLY A 354 -1.97 11.43 -1.05
CA GLY A 354 -2.99 11.89 -0.11
C GLY A 354 -3.85 13.06 -0.61
N PHE A 355 -3.41 13.87 -1.58
CA PHE A 355 -4.30 14.87 -2.17
C PHE A 355 -5.48 14.24 -2.96
N PRO A 356 -6.68 14.84 -2.89
CA PRO A 356 -7.83 14.34 -3.70
C PRO A 356 -7.72 14.81 -5.17
N GLY A 357 -8.42 14.09 -6.07
CA GLY A 357 -8.42 14.37 -7.52
C GLY A 357 -7.12 14.17 -8.29
N GLU A 358 -6.23 13.30 -7.84
CA GLU A 358 -4.96 13.07 -8.55
C GLU A 358 -5.22 12.54 -9.95
N THR A 359 -4.48 13.06 -10.92
CA THR A 359 -4.51 12.53 -12.28
C THR A 359 -3.76 11.21 -12.32
N ALA A 360 -4.28 10.28 -13.10
CA ALA A 360 -3.54 9.05 -13.34
C ALA A 360 -2.39 9.26 -14.37
N GLY A 361 -2.32 10.38 -15.09
CA GLY A 361 -1.36 10.51 -16.21
C GLY A 361 -1.65 9.54 -17.36
N LEU A 362 -0.65 9.31 -18.22
CA LEU A 362 -0.81 8.51 -19.44
C LEU A 362 0.53 7.82 -19.76
N LEU A 363 0.53 6.49 -19.68
CA LEU A 363 1.62 5.66 -20.18
C LEU A 363 0.97 4.52 -20.94
N ARG A 364 0.91 4.67 -22.25
CA ARG A 364 0.43 3.64 -23.19
C ARG A 364 1.18 2.30 -23.01
N ASN A 365 0.43 1.20 -22.94
CA ASN A 365 0.97 -0.16 -22.89
C ASN A 365 2.03 -0.40 -23.98
N TRP A 366 3.22 -0.83 -23.55
CA TRP A 366 4.40 -0.99 -24.40
C TRP A 366 4.15 -1.92 -25.59
N ARG A 367 3.19 -2.83 -25.45
CA ARG A 367 2.87 -3.83 -26.48
C ARG A 367 2.29 -3.16 -27.72
N ARG A 368 1.83 -1.91 -27.56
CA ARG A 368 1.34 -1.12 -28.69
C ARG A 368 2.36 -0.12 -29.32
N TRP A 369 3.58 -0.03 -28.78
CA TRP A 369 4.61 0.91 -29.29
C TRP A 369 5.26 0.52 -30.63
N ARG A 370 5.28 1.46 -31.57
CA ARG A 370 6.22 1.42 -32.70
C ARG A 370 7.52 2.09 -32.22
N PRO A 371 8.67 1.86 -32.93
CA PRO A 371 9.93 2.57 -32.62
C PRO A 371 9.88 4.12 -32.63
N ILE A 372 9.05 4.71 -33.51
CA ILE A 372 8.86 6.16 -33.52
C ILE A 372 8.26 6.65 -32.19
N GLU A 373 7.34 5.86 -31.65
CA GLU A 373 6.63 6.25 -30.43
C GLU A 373 7.56 6.19 -29.22
N GLN A 374 8.32 5.10 -29.07
CA GLN A 374 9.41 5.01 -28.09
C GLN A 374 10.32 6.26 -28.17
N ALA A 375 10.74 6.62 -29.40
CA ALA A 375 11.56 7.80 -29.67
C ALA A 375 10.90 9.11 -29.23
N THR A 376 9.65 9.38 -29.66
CA THR A 376 9.01 10.64 -29.24
C THR A 376 8.73 10.72 -27.71
N MET A 377 8.43 9.58 -27.09
CA MET A 377 8.37 9.47 -25.63
C MET A 377 9.67 9.85 -24.94
N SER A 378 10.79 9.40 -25.54
CA SER A 378 12.12 9.74 -25.01
C SER A 378 12.40 11.25 -24.93
N PHE A 379 11.79 12.05 -25.81
CA PHE A 379 11.83 13.52 -25.68
C PHE A 379 10.49 14.12 -25.18
N GLY A 380 9.70 13.27 -24.50
CA GLY A 380 8.57 13.72 -23.69
C GLY A 380 7.24 13.97 -24.34
N TYR A 381 7.03 13.39 -25.52
CA TYR A 381 5.71 13.42 -26.18
C TYR A 381 5.06 12.06 -26.13
N GLY A 382 3.73 12.02 -26.04
CA GLY A 382 2.99 10.76 -26.07
C GLY A 382 2.82 10.07 -24.72
N LEU A 383 3.40 10.63 -23.67
CA LEU A 383 3.19 10.21 -22.29
C LEU A 383 2.94 11.51 -21.45
N GLN A 384 2.24 11.39 -20.33
CA GLN A 384 1.85 12.58 -19.51
C GLN A 384 1.84 12.30 -18.03
N LEU A 385 2.11 13.36 -17.26
CA LEU A 385 2.15 13.36 -15.80
C LEU A 385 1.86 14.78 -15.27
N SER A 386 1.36 14.88 -14.04
CA SER A 386 1.15 16.16 -13.38
C SER A 386 2.50 16.80 -13.03
N LEU A 387 2.50 18.11 -12.82
CA LEU A 387 3.73 18.80 -12.38
C LEU A 387 4.25 18.24 -11.05
N LEU A 388 3.34 17.88 -10.15
CA LEU A 388 3.73 17.23 -8.90
C LEU A 388 4.46 15.87 -9.11
N GLN A 389 3.94 15.04 -10.05
CA GLN A 389 4.65 13.83 -10.47
C GLN A 389 6.03 14.08 -11.09
N LEU A 390 6.12 15.09 -11.97
CA LEU A 390 7.41 15.47 -12.53
C LEU A 390 8.43 15.88 -11.46
N ALA A 391 7.97 16.70 -10.50
CA ALA A 391 8.84 17.18 -9.41
C ALA A 391 9.32 15.99 -8.59
N ARG A 392 8.41 15.07 -8.30
CA ARG A 392 8.76 13.87 -7.59
C ARG A 392 9.82 13.01 -8.34
N ALA A 393 9.65 12.81 -9.66
CA ALA A 393 10.64 12.03 -10.44
C ALA A 393 12.04 12.62 -10.25
N TYR A 394 12.13 13.95 -10.18
CA TYR A 394 13.42 14.62 -9.95
C TYR A 394 14.14 14.24 -8.63
N THR A 395 13.41 13.67 -7.67
CA THR A 395 14.04 13.20 -6.41
C THR A 395 14.99 12.03 -6.64
N ALA A 396 14.80 11.28 -7.73
CA ALA A 396 15.70 10.19 -8.11
C ALA A 396 17.06 10.75 -8.48
N LEU A 397 17.05 11.95 -9.04
CA LEU A 397 18.27 12.65 -9.42
C LEU A 397 18.97 13.35 -8.25
N THR A 398 18.17 13.94 -7.35
CA THR A 398 18.70 14.76 -6.24
C THR A 398 19.04 13.90 -5.02
N HIS A 399 18.21 12.90 -4.71
CA HIS A 399 18.42 11.98 -3.58
C HIS A 399 19.24 10.72 -3.97
N ASP A 400 20.31 10.93 -4.73
CA ASP A 400 21.33 9.90 -5.02
C ASP A 400 20.76 8.61 -5.67
N GLY A 401 19.83 8.77 -6.60
CA GLY A 401 19.24 7.65 -7.29
C GLY A 401 18.04 6.97 -6.65
N VAL A 402 17.64 7.43 -5.46
CA VAL A 402 16.50 6.87 -4.76
C VAL A 402 15.32 7.81 -4.95
N LEU A 403 14.24 7.27 -5.55
CA LEU A 403 13.00 8.01 -5.74
C LEU A 403 12.24 8.08 -4.42
N LEU A 404 11.87 9.29 -4.02
CA LEU A 404 11.15 9.47 -2.76
C LEU A 404 9.66 9.58 -2.99
N PRO A 405 8.84 9.04 -2.08
CA PRO A 405 7.42 9.46 -2.05
C PRO A 405 7.37 10.91 -1.51
N LEU A 406 6.35 11.66 -1.90
CA LEU A 406 6.16 13.04 -1.49
C LEU A 406 5.41 13.07 -0.16
N SER A 407 5.58 14.15 0.61
CA SER A 407 4.82 14.36 1.85
C SER A 407 4.25 15.75 1.84
N PHE A 408 3.00 15.88 2.27
CA PHE A 408 2.44 17.20 2.59
C PHE A 408 2.45 17.44 4.12
N GLU A 409 2.85 16.43 4.87
CA GLU A 409 2.94 16.48 6.33
C GLU A 409 4.43 16.57 6.74
N LYS A 410 4.71 17.34 7.77
CA LYS A 410 6.08 17.53 8.25
C LYS A 410 6.68 16.21 8.72
N GLN A 411 7.85 15.88 8.16
CA GLN A 411 8.59 14.63 8.44
C GLN A 411 9.81 14.90 9.31
N ALA A 412 10.06 14.03 10.29
CA ALA A 412 11.28 14.12 11.11
C ALA A 412 12.54 13.80 10.29
N VAL A 413 12.37 13.03 9.22
CA VAL A 413 13.44 12.33 8.51
C VAL A 413 12.93 11.87 7.12
N ALA A 414 13.85 11.73 6.15
CA ALA A 414 13.52 11.19 4.79
C ALA A 414 12.88 9.84 4.87
N PRO A 415 11.76 9.64 4.16
CA PRO A 415 11.14 8.31 4.06
C PRO A 415 12.01 7.40 3.21
N GLN A 416 11.91 6.11 3.43
CA GLN A 416 12.51 5.11 2.55
C GLN A 416 11.97 5.35 1.15
N GLY A 417 12.83 5.24 0.16
CA GLY A 417 12.35 5.33 -1.20
C GLY A 417 12.66 4.08 -2.00
N LYS A 418 12.64 4.24 -3.32
CA LYS A 418 12.89 3.15 -4.23
C LYS A 418 14.11 3.51 -5.07
N ARG A 419 15.15 2.69 -5.01
CA ARG A 419 16.36 2.87 -5.83
C ARG A 419 16.03 2.76 -7.31
N ILE A 420 16.36 3.80 -8.07
CA ILE A 420 16.09 3.88 -9.51
C ILE A 420 17.43 3.88 -10.28
N PHE A 421 18.40 4.66 -9.81
CA PHE A 421 19.75 4.67 -10.37
C PHE A 421 20.73 4.42 -9.25
N LYS A 422 21.94 4.02 -9.63
CA LYS A 422 23.07 4.01 -8.69
C LYS A 422 23.42 5.44 -8.23
N GLU A 423 23.94 5.55 -7.00
CA GLU A 423 24.39 6.85 -6.47
C GLU A 423 25.36 7.50 -7.48
N SEP A 424 26.32 6.68 -7.95
CA SEP A 424 27.34 7.06 -8.95
CB SEP A 424 28.28 5.85 -9.27
OG SEP A 424 27.82 4.49 -9.00
C SEP A 424 26.74 7.74 -10.18
O SEP A 424 27.23 8.81 -10.60
P SEP A 424 27.87 3.65 -7.56
O1P SEP A 424 27.16 2.34 -7.77
O2P SEP A 424 29.34 3.40 -7.31
O3P SEP A 424 27.18 4.53 -6.54
N THR A 425 25.67 7.17 -10.74
CA THR A 425 24.99 7.68 -11.94
C THR A 425 24.28 9.03 -11.73
N ALA A 426 23.45 9.08 -10.68
CA ALA A 426 22.77 10.31 -10.28
C ALA A 426 23.77 11.46 -10.09
N ARG A 427 24.86 11.20 -9.37
CA ARG A 427 25.88 12.23 -9.13
C ARG A 427 26.43 12.79 -10.45
N GLU A 428 26.77 11.89 -11.40
CA GLU A 428 27.26 12.28 -12.73
C GLU A 428 26.23 13.08 -13.53
N VAL A 429 24.97 12.64 -13.47
CA VAL A 429 23.87 13.24 -14.22
C VAL A 429 23.55 14.67 -13.70
N ARG A 430 23.61 14.86 -12.37
CA ARG A 430 23.43 16.19 -11.78
C ARG A 430 24.48 17.14 -12.38
N ASN A 431 25.73 16.68 -12.40
CA ASN A 431 26.86 17.44 -12.95
C ASN A 431 26.64 17.82 -14.42
N LEU A 432 26.12 16.89 -15.21
CA LEU A 432 25.74 17.14 -16.58
C LEU A 432 24.70 18.25 -16.77
N MET A 433 23.63 18.23 -15.96
CA MET A 433 22.51 19.18 -16.04
C MET A 433 22.88 20.63 -15.73
N VAL A 434 23.94 20.85 -14.95
CA VAL A 434 24.49 22.18 -14.72
C VAL A 434 24.77 22.90 -16.06
N SER A 435 25.22 22.13 -17.06
CA SER A 435 25.53 22.66 -18.38
C SER A 435 24.32 23.18 -19.15
N VAL A 436 23.10 22.84 -18.73
CA VAL A 436 21.94 23.46 -19.37
C VAL A 436 21.69 24.93 -18.96
N THR A 437 22.22 25.32 -17.79
CA THR A 437 22.01 26.67 -17.29
C THR A 437 23.20 27.61 -17.47
N GLU A 438 24.37 27.05 -17.83
CA GLU A 438 25.60 27.81 -18.16
C GLU A 438 25.58 28.32 -19.63
N PRO A 439 26.41 29.34 -19.98
CA PRO A 439 26.54 29.70 -21.42
C PRO A 439 26.76 28.48 -22.33
N GLY A 440 25.90 28.31 -23.34
CA GLY A 440 25.92 27.13 -24.23
C GLY A 440 24.71 26.23 -24.01
N GLY A 441 24.13 26.26 -22.80
CA GLY A 441 22.94 25.48 -22.48
C GLY A 441 21.64 26.08 -22.96
N THR A 442 20.54 25.32 -22.89
CA THR A 442 19.23 25.77 -23.38
C THR A 442 18.37 26.49 -22.30
N GLY A 443 18.84 26.55 -21.06
CA GLY A 443 18.12 27.25 -20.01
C GLY A 443 18.93 28.17 -19.11
N THR A 444 19.59 29.14 -19.74
CA THR A 444 20.44 30.11 -19.06
C THR A 444 19.64 31.09 -18.18
N ALA A 445 18.34 31.24 -18.41
CA ALA A 445 17.51 32.15 -17.62
C ALA A 445 17.20 31.62 -16.21
N GLY A 446 17.34 30.32 -16.00
CA GLY A 446 17.21 29.73 -14.66
C GLY A 446 18.48 29.73 -13.84
N ALA A 447 19.55 30.38 -14.34
CA ALA A 447 20.80 30.49 -13.59
C ALA A 447 20.60 31.35 -12.35
N VAL A 448 21.14 30.88 -11.23
CA VAL A 448 21.02 31.55 -9.94
C VAL A 448 22.42 31.98 -9.53
N ASP A 449 22.54 33.27 -9.20
CA ASP A 449 23.80 33.86 -8.81
C ASP A 449 24.34 33.13 -7.57
N GLY A 450 25.63 32.79 -7.58
CA GLY A 450 26.25 32.09 -6.46
C GLY A 450 26.08 30.58 -6.36
N PHE A 451 25.37 29.97 -7.34
CA PHE A 451 25.04 28.54 -7.33
C PHE A 451 25.16 27.83 -8.69
N ASP A 452 25.44 26.53 -8.64
CA ASP A 452 25.29 25.66 -9.82
C ASP A 452 23.88 25.07 -9.74
N VAL A 453 23.11 25.34 -10.79
CA VAL A 453 21.75 24.86 -10.98
C VAL A 453 21.74 23.85 -12.13
N GLY A 454 21.19 22.65 -11.84
CA GLY A 454 20.87 21.66 -12.85
C GLY A 454 19.39 21.83 -13.19
N ALA A 455 19.09 21.90 -14.48
CA ALA A 455 17.72 22.18 -14.93
C ALA A 455 17.41 21.59 -16.29
N LYS A 456 16.11 21.51 -16.59
CA LYS A 456 15.62 21.34 -17.96
C LYS A 456 14.48 22.26 -18.18
N THR A 457 14.22 22.59 -19.42
CA THR A 457 13.14 23.49 -19.78
C THR A 457 12.61 23.19 -21.17
N GLY A 458 11.36 23.55 -21.43
CA GLY A 458 10.83 23.41 -22.79
C GLY A 458 9.41 23.90 -22.92
N THR A 459 8.90 23.88 -24.14
CA THR A 459 7.53 24.28 -24.42
C THR A 459 6.91 23.28 -25.36
N THR A 460 5.72 22.80 -25.00
CA THR A 460 4.95 21.90 -25.86
C THR A 460 3.70 22.62 -26.36
N ARG A 461 3.14 22.17 -27.48
CA ARG A 461 1.81 22.61 -27.93
C ARG A 461 0.77 22.01 -26.99
N LYS A 462 -0.27 22.78 -26.69
CA LYS A 462 -1.29 22.35 -25.73
C LYS A 462 -2.19 21.28 -26.35
N LEU A 463 -2.43 20.21 -25.59
CA LEU A 463 -3.41 19.19 -25.97
C LEU A 463 -4.74 19.50 -25.31
N VAL A 464 -5.75 19.72 -26.17
CA VAL A 464 -7.14 19.87 -25.74
C VAL A 464 -7.94 18.69 -26.34
N ASN A 465 -8.18 17.68 -25.49
CA ASN A 465 -8.86 16.42 -25.84
C ASN A 465 -8.21 15.61 -26.97
N GLY A 466 -6.96 15.17 -26.72
CA GLY A 466 -6.21 14.36 -27.68
C GLY A 466 -5.80 15.03 -28.99
N ARG A 467 -6.19 16.32 -29.18
CA ARG A 467 -5.78 17.11 -30.36
C ARG A 467 -5.20 18.50 -30.01
N TYR A 468 -4.32 19.00 -30.88
CA TYR A 468 -3.61 20.27 -30.73
C TYR A 468 -4.44 21.50 -31.12
N VAL A 469 -4.26 22.60 -30.39
CA VAL A 469 -4.82 23.91 -30.77
C VAL A 469 -3.72 24.72 -31.49
N ASP A 470 -4.05 25.97 -31.88
CA ASP A 470 -3.22 26.72 -32.81
C ASP A 470 -2.28 27.69 -32.09
N ASN A 471 -2.87 28.57 -31.29
CA ASN A 471 -2.13 29.63 -30.62
C ASN A 471 -1.42 29.15 -29.35
N LYS A 472 -1.79 27.97 -28.89
CA LYS A 472 -1.73 27.60 -27.48
C LYS A 472 -0.57 26.68 -27.08
N HIS A 473 0.28 27.16 -26.17
CA HIS A 473 1.48 26.43 -25.72
C HIS A 473 1.59 26.37 -24.20
N VAL A 474 2.42 25.46 -23.71
CA VAL A 474 2.63 25.27 -22.29
C VAL A 474 4.13 25.20 -22.06
N GLY A 475 4.63 26.17 -21.32
CA GLY A 475 6.05 26.26 -21.03
C GLY A 475 6.35 25.85 -19.60
N THR A 476 7.36 25.03 -19.46
CA THR A 476 7.75 24.52 -18.17
C THR A 476 9.27 24.69 -17.93
N PHE A 477 9.66 24.84 -16.66
CA PHE A 477 11.07 24.95 -16.24
C PHE A 477 11.20 24.22 -14.90
N ILE A 478 12.18 23.33 -14.78
CA ILE A 478 12.35 22.52 -13.57
C ILE A 478 13.83 22.37 -13.29
N GLY A 479 14.23 22.44 -12.05
CA GLY A 479 15.63 22.27 -11.66
C GLY A 479 15.84 22.22 -10.15
N PHE A 480 17.12 22.12 -9.78
CA PHE A 480 17.53 21.90 -8.40
C PHE A 480 18.85 22.62 -8.10
N ALA A 481 19.09 22.92 -6.81
CA ALA A 481 20.30 23.61 -6.34
C ALA A 481 20.55 23.33 -4.83
N PRO A 482 21.80 23.45 -4.31
CA PRO A 482 23.10 23.48 -5.10
C PRO A 482 23.30 22.17 -5.86
N ALA A 483 23.75 22.23 -7.11
CA ALA A 483 23.67 21.06 -7.99
C ALA A 483 24.41 19.84 -7.49
N LYS A 484 25.61 20.02 -6.95
CA LYS A 484 26.42 18.93 -6.42
C LYS A 484 25.75 18.28 -5.19
N ASN A 485 25.26 19.10 -4.24
CA ASN A 485 24.52 18.61 -3.05
C ASN A 485 23.14 19.27 -2.94
N PRO A 486 22.15 18.75 -3.67
CA PRO A 486 20.86 19.45 -3.79
C PRO A 486 20.08 19.52 -2.51
N ARG A 487 19.35 20.63 -2.35
CA ARG A 487 18.46 20.88 -1.21
C ARG A 487 17.02 21.22 -1.62
N VAL A 488 16.88 21.89 -2.77
CA VAL A 488 15.59 22.38 -3.29
C VAL A 488 15.39 21.97 -4.77
N ILE A 489 14.21 21.40 -5.06
CA ILE A 489 13.70 21.29 -6.42
C ILE A 489 12.60 22.34 -6.58
N VAL A 490 12.67 23.10 -7.66
CA VAL A 490 11.61 24.00 -8.04
C VAL A 490 11.12 23.65 -9.44
N ALA A 491 9.80 23.57 -9.60
CA ALA A 491 9.19 23.31 -10.90
C ALA A 491 8.13 24.37 -11.22
N VAL A 492 8.22 25.00 -12.38
CA VAL A 492 7.22 26.02 -12.76
C VAL A 492 6.62 25.68 -14.13
N THR A 493 5.31 25.86 -14.26
CA THR A 493 4.62 25.73 -15.54
C THR A 493 3.78 26.96 -15.76
N ILE A 494 3.79 27.48 -16.99
CA ILE A 494 2.97 28.60 -17.41
C ILE A 494 2.15 28.18 -18.62
N ASP A 495 0.85 28.34 -18.49
CA ASP A 495 -0.14 27.76 -19.40
C ASP A 495 -0.69 28.87 -20.29
N GLU A 496 -0.52 28.69 -21.60
CA GLU A 496 -0.93 29.66 -22.66
C GLU A 496 -0.35 31.09 -22.53
N PRO A 497 0.99 31.23 -22.40
CA PRO A 497 1.55 32.59 -22.47
C PRO A 497 1.17 33.23 -23.80
N THR A 498 0.77 34.49 -23.73
CA THR A 498 0.22 35.23 -24.87
C THR A 498 1.13 36.39 -25.30
N ALA A 499 1.73 37.06 -24.32
CA ALA A 499 2.65 38.16 -24.58
C ALA A 499 4.08 37.78 -24.21
N HIS A 500 5.03 38.40 -24.91
CA HIS A 500 6.45 38.48 -24.52
C HIS A 500 7.19 37.14 -24.47
N GLY A 501 6.81 36.22 -25.35
CA GLY A 501 7.54 34.96 -25.52
C GLY A 501 6.69 33.72 -25.33
N TYR A 502 7.25 32.57 -25.72
CA TYR A 502 6.61 31.27 -25.62
C TYR A 502 7.51 30.27 -24.97
N TYR A 503 8.81 30.49 -25.03
CA TYR A 503 9.73 29.46 -24.56
C TYR A 503 9.76 29.33 -23.05
N GLY A 504 9.73 28.08 -22.57
CA GLY A 504 9.76 27.78 -21.13
C GLY A 504 10.96 28.40 -20.43
N GLY A 505 12.08 28.47 -21.15
CA GLY A 505 13.35 29.02 -20.65
C GLY A 505 13.24 30.48 -20.27
N VAL A 506 12.41 31.23 -20.99
CA VAL A 506 12.13 32.60 -20.61
C VAL A 506 10.88 32.73 -19.74
N VAL A 507 9.74 32.18 -20.18
CA VAL A 507 8.47 32.42 -19.47
C VAL A 507 8.41 31.78 -18.08
N ALA A 508 8.94 30.57 -17.94
CA ALA A 508 8.99 29.90 -16.65
C ALA A 508 10.38 30.00 -15.99
N GLY A 509 11.37 30.50 -16.72
CA GLY A 509 12.75 30.58 -16.23
C GLY A 509 13.02 31.69 -15.20
N SER A 510 12.48 32.89 -15.43
CA SER A 510 12.64 33.99 -14.44
C SER A 510 11.88 33.71 -13.13
N PRO A 511 10.58 33.33 -13.19
CA PRO A 511 9.99 32.92 -11.89
C PRO A 511 10.79 31.80 -11.22
N PHE A 512 11.26 30.79 -11.98
CA PHE A 512 12.15 29.73 -11.43
C PHE A 512 13.35 30.32 -10.72
N LYS A 513 14.08 31.17 -11.43
CA LYS A 513 15.28 31.81 -10.90
C LYS A 513 14.96 32.51 -9.53
N LYS A 514 13.95 33.38 -9.51
CA LYS A 514 13.57 34.18 -8.30
C LYS A 514 13.12 33.27 -7.16
N ILE A 515 12.19 32.34 -7.44
CA ILE A 515 11.74 31.34 -6.46
C ILE A 515 12.90 30.51 -5.89
N MET A 516 13.79 30.02 -6.77
CA MET A 516 14.95 29.21 -6.34
C MET A 516 15.92 29.96 -5.42
N GLY A 517 16.34 31.16 -5.84
CA GLY A 517 17.28 32.00 -5.10
C GLY A 517 16.72 32.44 -3.76
N GLY A 518 15.48 32.91 -3.78
CA GLY A 518 14.74 33.27 -2.57
C GLY A 518 14.64 32.10 -1.60
N SER A 519 14.37 30.89 -2.14
CA SER A 519 14.21 29.67 -1.34
C SER A 519 15.51 29.25 -0.67
N LEU A 520 16.62 29.36 -1.40
CA LEU A 520 17.96 29.06 -0.89
C LEU A 520 18.32 30.03 0.23
N ASN A 521 17.97 31.29 0.02
CA ASN A 521 18.19 32.30 1.03
C ASN A 521 17.34 32.07 2.30
N ILE A 522 16.02 31.90 2.15
CA ILE A 522 15.12 31.56 3.27
C ILE A 522 15.67 30.36 4.07
N LEU A 523 16.16 29.32 3.37
CA LEU A 523 16.65 28.09 4.03
C LEU A 523 18.06 28.19 4.64
N GLY A 524 18.73 29.33 4.45
CA GLY A 524 20.07 29.56 4.97
C GLY A 524 21.14 28.71 4.33
N ILE A 525 21.11 28.64 3.01
CA ILE A 525 22.08 27.83 2.28
C ILE A 525 23.13 28.76 1.66
N SER A 526 24.38 28.46 1.99
CA SER A 526 25.52 29.25 1.55
C SER A 526 25.74 29.08 0.05
N PRO A 527 25.95 30.20 -0.67
CA PRO A 527 26.58 30.17 -2.01
C PRO A 527 27.86 29.34 -2.01
N THR A 528 28.10 28.70 -3.14
CA THR A 528 29.18 27.74 -3.29
C THR A 528 30.27 28.32 -4.20
N LYS A 529 29.90 29.37 -4.95
CA LYS A 529 30.80 30.17 -5.79
C LYS A 529 30.50 31.68 -5.57
N PRO A 530 31.48 32.60 -5.83
CA PRO A 530 31.23 34.03 -5.55
C PRO A 530 30.13 34.69 -6.43
N LEU A 531 29.42 35.66 -5.84
CA LEU A 531 28.34 36.41 -6.50
C LEU A 531 28.93 37.38 -7.55
N THR A 532 28.41 37.35 -8.78
CA THR A 532 29.00 38.15 -9.89
C THR A 532 28.62 39.63 -9.80
N ILE B 24 22.03 15.92 44.02
CA ILE B 24 20.85 15.29 43.33
C ILE B 24 21.05 13.77 43.14
N VAL B 25 20.22 13.00 43.84
CA VAL B 25 20.23 11.53 43.84
C VAL B 25 19.14 11.02 42.87
N ARG B 26 19.53 10.22 41.89
CA ARG B 26 18.59 9.72 40.87
C ARG B 26 18.80 8.23 40.53
N THR B 27 17.69 7.54 40.26
CA THR B 27 17.72 6.16 39.74
C THR B 27 17.64 6.20 38.21
N GLN B 28 18.65 5.64 37.54
CA GLN B 28 18.66 5.56 36.06
C GLN B 28 18.44 4.15 35.59
N ALA B 29 17.69 4.01 34.50
CA ALA B 29 17.50 2.72 33.82
C ALA B 29 18.81 2.20 33.21
N LEU B 30 18.97 0.88 33.23
CA LEU B 30 20.02 0.21 32.45
C LEU B 30 19.28 -0.75 31.51
N PRO B 31 19.12 -0.34 30.22
CA PRO B 31 18.21 -1.05 29.31
C PRO B 31 18.67 -2.48 28.98
N ALA B 32 17.77 -3.43 29.18
CA ALA B 32 17.97 -4.83 28.73
C ALA B 32 18.07 -4.94 27.21
N THR B 33 18.75 -5.99 26.74
CA THR B 33 18.87 -6.28 25.32
C THR B 33 17.72 -7.21 24.90
N ARG B 34 16.98 -6.74 23.90
CA ARG B 34 15.81 -7.45 23.44
C ARG B 34 16.26 -8.73 22.78
N GLY B 35 15.52 -9.82 23.06
CA GLY B 35 15.81 -11.14 22.46
C GLY B 35 15.83 -11.15 20.94
N THR B 36 16.67 -12.04 20.39
CA THR B 36 16.80 -12.30 18.94
C THR B 36 15.66 -13.20 18.44
N VAL B 37 15.22 -12.97 17.21
CA VAL B 37 14.25 -13.84 16.55
C VAL B 37 14.93 -14.41 15.30
N SER B 38 14.94 -15.74 15.17
CA SER B 38 15.54 -16.37 14.01
C SER B 38 14.62 -17.39 13.35
N ASP B 39 14.97 -17.82 12.14
CA ASP B 39 14.18 -18.82 11.43
C ASP B 39 14.55 -20.23 11.92
N ARG B 40 13.95 -21.29 11.35
CA ARG B 40 14.14 -22.66 11.86
C ARG B 40 15.57 -23.17 11.76
N ASN B 41 16.34 -22.55 10.85
CA ASN B 41 17.69 -22.98 10.49
C ASN B 41 18.82 -22.06 10.96
N GLY B 42 18.47 -21.06 11.77
CA GLY B 42 19.46 -20.16 12.36
C GLY B 42 19.58 -18.77 11.79
N ALA B 43 18.94 -18.49 10.65
CA ALA B 43 18.99 -17.15 10.03
C ALA B 43 18.35 -16.08 10.91
N VAL B 44 19.06 -14.99 11.15
CA VAL B 44 18.59 -13.90 12.06
C VAL B 44 17.52 -13.06 11.36
N LEU B 45 16.35 -12.97 11.98
CA LEU B 45 15.23 -12.22 11.40
C LEU B 45 14.95 -10.89 12.12
N ALA B 46 15.34 -10.83 13.39
CA ALA B 46 15.17 -9.65 14.23
C ALA B 46 16.22 -9.64 15.34
N LEU B 47 16.94 -8.53 15.46
CA LEU B 47 17.97 -8.38 16.50
C LEU B 47 18.10 -6.93 16.93
N SER B 48 18.64 -6.72 18.15
CA SER B 48 18.96 -5.36 18.62
C SER B 48 20.46 -5.09 18.53
N ALA B 49 20.86 -4.31 17.52
CA ALA B 49 22.27 -3.98 17.27
C ALA B 49 22.62 -2.61 17.87
N PRO B 50 23.82 -2.48 18.51
CA PRO B 50 24.21 -1.21 19.16
C PRO B 50 24.48 -0.08 18.17
N THR B 51 24.08 1.15 18.56
CA THR B 51 24.30 2.38 17.78
C THR B 51 24.53 3.58 18.72
N GLU B 52 24.82 4.75 18.13
CA GLU B 52 24.99 6.01 18.87
C GLU B 52 24.55 7.22 18.04
N GLU B 123 22.84 3.78 22.45
CA GLU B 123 21.50 3.15 22.41
C GLU B 123 21.46 1.86 21.56
N LEU B 124 20.39 1.08 21.71
CA LEU B 124 20.14 -0.11 20.87
C LEU B 124 19.09 0.19 19.80
N LYS B 125 19.35 -0.27 18.57
CA LYS B 125 18.37 -0.19 17.48
C LYS B 125 17.87 -1.57 17.08
N ARG B 126 16.56 -1.70 16.95
CA ARG B 126 15.93 -2.91 16.44
C ARG B 126 16.06 -2.92 14.91
N HIS B 127 16.42 -4.08 14.38
CA HIS B 127 16.77 -4.23 12.97
C HIS B 127 16.27 -5.57 12.42
N TYR B 128 15.74 -5.55 11.19
CA TYR B 128 15.24 -6.75 10.51
C TYR B 128 16.02 -6.96 9.23
N PRO B 129 17.07 -7.81 9.28
CA PRO B 129 18.01 -7.99 8.14
C PRO B 129 17.34 -8.42 6.82
N MET B 130 16.14 -9.00 6.91
CA MET B 130 15.44 -9.46 5.72
C MET B 130 14.33 -8.52 5.22
N GLY B 131 14.16 -7.40 5.93
CA GLY B 131 13.21 -6.35 5.53
C GLY B 131 11.82 -6.92 5.53
N ASN B 132 11.11 -6.66 4.42
CA ASN B 132 9.79 -7.18 4.07
C ASN B 132 9.43 -8.60 4.41
N LEU B 133 10.41 -9.48 4.33
CA LEU B 133 10.15 -10.91 4.13
C LEU B 133 9.16 -11.45 5.15
N PHE B 134 9.42 -11.15 6.41
CA PHE B 134 8.60 -11.58 7.54
C PHE B 134 7.82 -10.43 8.19
N ALA B 135 7.36 -9.50 7.36
CA ALA B 135 6.73 -8.24 7.84
C ALA B 135 5.60 -8.48 8.83
N HIS B 136 4.67 -9.37 8.46
CA HIS B 136 3.47 -9.53 9.25
C HIS B 136 3.66 -10.48 10.41
N VAL B 137 4.51 -11.48 10.23
CA VAL B 137 4.76 -12.47 11.26
C VAL B 137 5.40 -11.82 12.46
N ILE B 138 6.54 -11.14 12.24
CA ILE B 138 7.33 -10.52 13.30
C ILE B 138 6.76 -9.19 13.84
N GLY B 139 6.22 -8.34 12.96
CA GLY B 139 5.81 -6.98 13.36
C GLY B 139 7.00 -6.07 13.63
N PHE B 140 6.79 -5.07 14.49
CA PHE B 140 7.82 -4.05 14.82
C PHE B 140 7.72 -3.59 16.27
N THR B 141 8.63 -2.74 16.71
CA THR B 141 8.58 -2.13 18.05
C THR B 141 8.45 -0.62 17.95
N ASP B 142 7.99 0.04 19.03
CA ASP B 142 7.95 1.52 19.07
C ASP B 142 9.31 2.13 19.45
N ILE B 143 9.35 3.47 19.53
CA ILE B 143 10.54 4.25 19.99
C ILE B 143 11.26 3.65 21.21
N ASP B 144 10.48 3.22 22.20
CA ASP B 144 10.97 2.61 23.46
C ASP B 144 11.47 1.16 23.37
N GLY B 145 11.30 0.50 22.21
CA GLY B 145 11.63 -0.92 22.08
C GLY B 145 10.57 -1.80 22.75
N LYS B 146 9.34 -1.28 22.82
CA LYS B 146 8.18 -2.07 23.25
C LYS B 146 7.50 -2.60 21.97
N GLY B 147 7.17 -3.89 21.98
CA GLY B 147 6.46 -4.52 20.87
C GLY B 147 5.14 -3.82 20.57
N GLN B 148 4.93 -3.43 19.32
CA GLN B 148 3.70 -2.79 18.90
C GLN B 148 2.76 -3.70 18.08
N GLU B 149 3.31 -4.54 17.22
CA GLU B 149 2.50 -5.37 16.29
C GLU B 149 3.16 -6.71 16.13
N GLY B 150 2.38 -7.69 15.68
CA GLY B 150 2.85 -9.04 15.38
C GLY B 150 3.46 -9.75 16.57
N LEU B 151 4.42 -10.62 16.29
CA LEU B 151 5.09 -11.39 17.33
C LEU B 151 5.94 -10.57 18.29
N GLU B 152 6.40 -9.39 17.88
CA GLU B 152 7.13 -8.48 18.78
C GLU B 152 6.18 -8.07 19.92
N LEU B 153 4.89 -7.97 19.62
CA LEU B 153 3.88 -7.62 20.60
C LEU B 153 3.52 -8.78 21.49
N SER B 154 3.13 -9.90 20.90
CA SER B 154 2.55 -11.00 21.67
C SER B 154 3.63 -11.78 22.43
N LEU B 155 4.85 -11.75 21.95
CA LEU B 155 5.96 -12.31 22.70
C LEU B 155 6.71 -11.29 23.59
N GLU B 156 6.09 -10.12 23.85
CA GLU B 156 6.73 -8.99 24.56
C GLU B 156 7.40 -9.39 25.88
N ASP B 157 6.66 -10.07 26.75
CA ASP B 157 7.17 -10.48 28.07
C ASP B 157 8.45 -11.32 28.02
N SER B 158 8.48 -12.26 27.09
CA SER B 158 9.60 -13.13 26.83
C SER B 158 10.81 -12.43 26.13
N LEU B 159 10.53 -11.62 25.10
CA LEU B 159 11.57 -10.95 24.28
C LEU B 159 12.21 -9.72 24.91
N TYR B 160 11.45 -8.96 25.70
CA TYR B 160 11.91 -7.69 26.23
C TYR B 160 13.03 -7.83 27.29
N GLY B 161 12.88 -8.81 28.18
CA GLY B 161 13.75 -9.01 29.33
C GLY B 161 13.35 -8.14 30.51
N GLU B 162 14.33 -7.81 31.35
CA GLU B 162 14.09 -6.98 32.53
C GLU B 162 15.15 -5.89 32.60
N ASP B 163 14.71 -4.64 32.63
CA ASP B 163 15.61 -3.50 32.73
C ASP B 163 16.34 -3.50 34.05
N GLY B 164 17.58 -3.01 34.03
CA GLY B 164 18.36 -2.81 35.23
C GLY B 164 18.18 -1.38 35.69
N ALA B 165 18.85 -1.05 36.80
CA ALA B 165 18.85 0.30 37.37
C ALA B 165 20.08 0.52 38.23
N GLU B 166 20.56 1.78 38.27
CA GLU B 166 21.62 2.19 39.18
C GLU B 166 21.28 3.53 39.83
N VAL B 167 21.72 3.69 41.07
CA VAL B 167 21.51 4.90 41.87
C VAL B 167 22.77 5.76 41.82
N VAL B 168 22.58 6.99 41.36
CA VAL B 168 23.68 7.90 40.99
C VAL B 168 23.59 9.21 41.80
N LEU B 169 24.70 9.93 41.88
CA LEU B 169 24.73 11.30 42.35
C LEU B 169 25.22 12.20 41.21
N ARG B 170 24.32 13.02 40.68
CA ARG B 170 24.57 13.91 39.54
C ARG B 170 24.90 15.36 39.98
N ASP B 171 24.87 16.28 39.01
CA ASP B 171 24.92 17.74 39.22
C ASP B 171 24.31 18.49 38.01
N ASN B 175 27.03 15.76 34.76
CA ASN B 175 28.05 14.79 35.15
C ASN B 175 27.58 13.73 36.14
N ILE B 176 28.39 12.69 36.31
CA ILE B 176 28.20 11.65 37.32
C ILE B 176 29.29 11.82 38.37
N VAL B 177 28.89 12.06 39.62
CA VAL B 177 29.83 12.40 40.69
C VAL B 177 30.17 11.15 41.51
N ASP B 178 29.14 10.35 41.80
CA ASP B 178 29.29 9.20 42.68
C ASP B 178 28.22 8.15 42.40
N SER B 179 28.61 6.90 42.61
CA SER B 179 27.77 5.73 42.33
C SER B 179 27.45 5.08 43.68
N LEU B 180 26.18 5.10 44.07
CA LEU B 180 25.81 4.81 45.46
C LEU B 180 25.31 3.38 45.69
N ASP B 181 25.53 2.85 46.91
CA ASP B 181 24.98 1.55 47.34
C ASP B 181 23.47 1.63 47.49
N SER B 182 22.75 0.69 46.89
CA SER B 182 21.30 0.63 46.99
C SER B 182 20.74 -0.74 46.64
N PRO B 183 19.68 -1.17 47.37
CA PRO B 183 18.89 -2.37 46.97
C PRO B 183 18.30 -2.29 45.56
N ARG B 184 18.09 -1.07 45.06
CA ARG B 184 17.63 -0.93 43.68
C ARG B 184 18.71 -0.95 42.57
N ASN B 185 19.98 -1.09 42.95
CA ASN B 185 21.03 -1.51 42.00
C ASN B 185 20.79 -2.96 41.52
N LYS B 186 20.24 -3.09 40.32
CA LYS B 186 20.01 -4.39 39.67
C LYS B 186 20.66 -4.46 38.29
N ALA B 187 21.22 -5.63 37.97
CA ALA B 187 21.70 -5.90 36.62
C ALA B 187 20.52 -6.12 35.65
N PRO B 188 20.63 -5.63 34.40
CA PRO B 188 19.59 -5.95 33.40
C PRO B 188 19.58 -7.45 33.09
N GLN B 189 18.39 -8.01 32.85
CA GLN B 189 18.28 -9.38 32.33
C GLN B 189 17.84 -9.29 30.89
N ASN B 190 18.65 -9.84 30.00
CA ASN B 190 18.33 -9.87 28.56
C ASN B 190 17.15 -10.76 28.20
N GLY B 191 16.51 -10.44 27.07
CA GLY B 191 15.40 -11.21 26.55
C GLY B 191 15.84 -12.58 26.07
N LYS B 192 14.90 -13.53 26.07
CA LYS B 192 15.19 -14.85 25.47
C LYS B 192 15.02 -14.82 23.97
N ASP B 193 15.84 -15.61 23.31
CA ASP B 193 15.83 -15.72 21.87
C ASP B 193 14.71 -16.67 21.49
N ILE B 194 14.10 -16.42 20.34
CA ILE B 194 13.06 -17.29 19.81
C ILE B 194 13.52 -17.84 18.46
N ILE B 195 13.33 -19.15 18.29
CA ILE B 195 13.54 -19.80 17.02
C ILE B 195 12.17 -20.13 16.43
N LEU B 196 11.85 -19.45 15.34
CA LEU B 196 10.62 -19.70 14.60
C LEU B 196 10.64 -21.05 13.91
N SER B 197 9.45 -21.58 13.68
CA SER B 197 9.26 -22.77 12.88
C SER B 197 9.40 -22.45 11.38
N LEU B 198 9.27 -21.16 11.04
CA LEU B 198 9.29 -20.69 9.65
C LEU B 198 10.65 -20.85 8.99
N ASP B 199 10.59 -21.11 7.69
CA ASP B 199 11.78 -21.41 6.91
C ASP B 199 11.92 -20.30 5.88
N GLN B 200 12.99 -19.53 6.04
CA GLN B 200 13.34 -18.44 5.14
C GLN B 200 13.26 -18.80 3.64
N ARG B 201 13.71 -19.99 3.26
CA ARG B 201 13.61 -20.45 1.86
C ARG B 201 12.15 -20.57 1.39
N ILE B 202 11.29 -21.13 2.25
CA ILE B 202 9.87 -21.29 1.89
C ILE B 202 9.15 -19.93 1.91
N GLN B 203 9.45 -19.10 2.91
CA GLN B 203 8.92 -17.72 2.97
C GLN B 203 9.22 -16.90 1.72
N THR B 204 10.48 -16.98 1.25
CA THR B 204 10.94 -16.33 0.02
C THR B 204 10.12 -16.77 -1.19
N LEU B 205 9.99 -18.09 -1.38
CA LEU B 205 9.14 -18.67 -2.43
C LEU B 205 7.70 -18.18 -2.34
N ALA B 206 7.12 -18.27 -1.13
CA ALA B 206 5.73 -17.81 -0.87
C ALA B 206 5.56 -16.33 -1.23
N TYR B 207 6.50 -15.51 -0.77
CA TYR B 207 6.55 -14.07 -1.05
C TYR B 207 6.55 -13.73 -2.56
N GLU B 208 7.46 -14.36 -3.31
CA GLU B 208 7.64 -14.05 -4.70
C GLU B 208 6.46 -14.51 -5.53
N GLU B 209 5.98 -15.72 -5.26
CA GLU B 209 4.90 -16.28 -6.04
C GLU B 209 3.58 -15.58 -5.74
N LEU B 210 3.36 -15.21 -4.48
CA LEU B 210 2.20 -14.40 -4.10
C LEU B 210 2.16 -13.07 -4.84
N ASN B 211 3.25 -12.33 -4.76
CA ASN B 211 3.35 -11.03 -5.43
C ASN B 211 3.19 -11.13 -6.93
N LYS B 212 3.73 -12.19 -7.54
CA LYS B 212 3.54 -12.46 -8.97
C LYS B 212 2.06 -12.67 -9.34
N ALA B 213 1.35 -13.47 -8.56
CA ALA B 213 -0.05 -13.72 -8.84
C ALA B 213 -0.91 -12.47 -8.57
N VAL B 214 -0.64 -11.78 -7.47
CA VAL B 214 -1.35 -10.53 -7.12
C VAL B 214 -1.15 -9.44 -8.20
N GLU B 215 0.08 -9.28 -8.69
CA GLU B 215 0.40 -8.39 -9.82
C GLU B 215 -0.28 -8.74 -11.16
N TYR B 216 -0.13 -9.98 -11.59
CA TYR B 216 -0.62 -10.40 -12.87
C TYR B 216 -2.15 -10.18 -12.96
N HIS B 217 -2.85 -10.58 -11.90
CA HIS B 217 -4.31 -10.50 -11.81
C HIS B 217 -4.83 -9.13 -11.36
N GLN B 218 -3.92 -8.17 -11.17
CA GLN B 218 -4.25 -6.80 -10.76
C GLN B 218 -5.21 -6.83 -9.54
N ALA B 219 -4.78 -7.58 -8.52
CA ALA B 219 -5.56 -7.81 -7.32
C ALA B 219 -5.25 -6.80 -6.21
N LYS B 220 -6.19 -6.66 -5.28
CA LYS B 220 -5.98 -5.79 -4.13
C LYS B 220 -4.97 -6.35 -3.11
N ALA B 221 -5.05 -7.64 -2.80
CA ALA B 221 -4.31 -8.20 -1.69
C ALA B 221 -4.20 -9.70 -1.89
N GLY B 222 -3.39 -10.35 -1.06
CA GLY B 222 -3.25 -11.80 -1.13
C GLY B 222 -2.63 -12.32 0.16
N THR B 223 -2.75 -13.63 0.38
CA THR B 223 -2.20 -14.30 1.55
C THR B 223 -1.73 -15.71 1.13
N VAL B 224 -0.63 -16.16 1.73
CA VAL B 224 -0.18 -17.56 1.63
C VAL B 224 0.12 -18.05 3.04
N VAL B 225 -0.26 -19.30 3.33
CA VAL B 225 0.16 -20.05 4.51
C VAL B 225 0.73 -21.37 3.97
N VAL B 226 1.89 -21.75 4.49
CA VAL B 226 2.49 -23.06 4.24
C VAL B 226 2.71 -23.73 5.59
N LEU B 227 2.14 -24.92 5.73
CA LEU B 227 2.23 -25.69 6.95
C LEU B 227 3.00 -26.98 6.73
N ASP B 228 3.61 -27.46 7.81
CA ASP B 228 4.15 -28.81 7.88
C ASP B 228 2.95 -29.69 8.23
N ALA B 229 2.57 -30.55 7.29
CA ALA B 229 1.32 -31.32 7.37
C ALA B 229 1.31 -32.40 8.45
N ARG B 230 2.48 -32.66 9.05
CA ARG B 230 2.63 -33.71 10.05
C ARG B 230 2.92 -33.18 11.46
N THR B 231 3.41 -31.95 11.55
CA THR B 231 3.74 -31.33 12.85
C THR B 231 2.85 -30.15 13.22
N GLY B 232 2.31 -29.45 12.22
CA GLY B 232 1.49 -28.27 12.47
C GLY B 232 2.28 -26.97 12.47
N GLU B 233 3.60 -27.09 12.32
CA GLU B 233 4.50 -25.94 12.25
C GLU B 233 4.16 -25.04 11.05
N ILE B 234 4.17 -23.73 11.29
CA ILE B 234 4.03 -22.77 10.20
C ILE B 234 5.40 -22.65 9.52
N LEU B 235 5.46 -22.93 8.22
CA LEU B 235 6.73 -22.87 7.51
C LEU B 235 6.84 -21.58 6.72
N ALA B 236 5.69 -21.01 6.38
CA ALA B 236 5.64 -19.72 5.71
C ALA B 236 4.27 -19.06 5.93
N LEU B 237 4.26 -17.73 5.93
CA LEU B 237 3.06 -16.96 6.18
C LEU B 237 3.37 -15.54 5.71
N ALA B 238 2.74 -15.14 4.61
CA ALA B 238 2.97 -13.87 4.01
C ALA B 238 1.67 -13.28 3.53
N ASN B 239 1.56 -11.96 3.61
CA ASN B 239 0.49 -11.23 2.98
C ASN B 239 1.08 -10.13 2.13
N THR B 240 0.32 -9.73 1.13
CA THR B 240 0.57 -8.49 0.43
C THR B 240 -0.75 -7.65 0.39
N PRO B 241 -0.71 -6.31 0.52
CA PRO B 241 0.53 -5.49 0.50
C PRO B 241 1.27 -5.62 1.81
N ALA B 242 2.55 -5.22 1.84
CA ALA B 242 3.39 -5.34 3.04
C ALA B 242 4.09 -4.01 3.35
N TYR B 243 5.12 -4.05 4.16
CA TYR B 243 5.87 -2.85 4.54
C TYR B 243 7.21 -3.32 5.05
N ASP B 244 8.19 -2.44 5.05
CA ASP B 244 9.49 -2.72 5.65
C ASP B 244 9.36 -2.47 7.16
N PRO B 245 9.52 -3.52 7.97
CA PRO B 245 9.43 -3.31 9.40
C PRO B 245 10.60 -2.49 10.01
N ASN B 246 11.69 -2.25 9.27
CA ASN B 246 12.73 -1.29 9.71
C ASN B 246 12.25 0.15 9.63
N ARG B 247 11.26 0.42 8.79
CA ARG B 247 10.69 1.76 8.61
C ARG B 247 9.15 1.67 8.64
N PRO B 248 8.55 1.39 9.83
CA PRO B 248 7.10 1.16 9.86
C PRO B 248 6.21 2.42 9.92
N GLY B 249 6.76 3.57 10.30
CA GLY B 249 6.00 4.81 10.50
C GLY B 249 5.00 5.21 9.42
N ARG B 250 5.38 5.06 8.16
CA ARG B 250 4.51 5.50 7.07
C ARG B 250 3.55 4.42 6.55
N ALA B 251 3.70 3.18 7.03
CA ALA B 251 2.84 2.06 6.63
C ALA B 251 1.39 2.21 7.11
N ASP B 252 0.44 2.23 6.18
CA ASP B 252 -0.97 2.35 6.55
C ASP B 252 -1.60 1.02 7.07
N SER B 253 -2.88 1.08 7.50
CA SER B 253 -3.67 -0.07 8.01
C SER B 253 -3.61 -1.29 7.15
N GLU B 254 -3.97 -1.08 5.90
CA GLU B 254 -3.96 -2.02 4.82
C GLU B 254 -2.62 -2.73 4.70
N GLN B 255 -1.52 -1.97 4.64
CA GLN B 255 -0.17 -2.54 4.60
C GLN B 255 0.18 -3.36 5.84
N ARG B 256 -0.23 -2.88 7.01
CA ARG B 256 0.12 -3.50 8.28
C ARG B 256 -0.67 -4.76 8.69
N ARG B 257 -1.83 -5.01 8.07
CA ARG B 257 -2.74 -6.06 8.52
C ARG B 257 -2.24 -7.47 8.20
N ASN B 258 -2.16 -8.30 9.25
CA ASN B 258 -1.80 -9.71 9.10
C ASN B 258 -3.04 -10.53 8.67
N ARG B 259 -3.43 -10.37 7.40
CA ARG B 259 -4.70 -10.91 6.89
C ARG B 259 -4.94 -12.37 7.19
N ALA B 260 -3.88 -13.18 7.13
CA ALA B 260 -3.92 -14.61 7.43
C ALA B 260 -4.50 -14.93 8.80
N VAL B 261 -4.21 -14.09 9.79
CA VAL B 261 -4.74 -14.30 11.13
C VAL B 261 -5.95 -13.38 11.46
N THR B 262 -6.01 -12.18 10.88
CA THR B 262 -7.02 -11.16 11.26
C THR B 262 -8.38 -11.26 10.53
N ASP B 263 -8.37 -11.71 9.29
CA ASP B 263 -9.55 -11.64 8.42
C ASP B 263 -10.29 -12.96 8.31
N MET B 264 -11.60 -12.91 8.45
CA MET B 264 -12.39 -14.11 8.26
C MET B 264 -12.91 -14.05 6.85
N ILE B 265 -12.96 -15.20 6.20
CA ILE B 265 -13.55 -15.36 4.87
C ILE B 265 -14.53 -16.55 4.91
N GLU B 266 -15.43 -16.56 3.95
CA GLU B 266 -16.21 -17.75 3.67
C GLU B 266 -15.30 -18.72 2.91
N PRO B 267 -15.19 -19.96 3.41
CA PRO B 267 -14.35 -21.02 2.83
C PRO B 267 -14.90 -21.54 1.52
N GLY B 268 -16.21 -21.40 1.30
CA GLY B 268 -16.81 -21.87 0.06
C GLY B 268 -16.47 -23.35 -0.10
N SER B 269 -16.02 -23.73 -1.30
CA SER B 269 -15.76 -25.12 -1.62
C SER B 269 -14.71 -25.79 -0.75
N ALA B 270 -13.78 -25.01 -0.19
CA ALA B 270 -12.74 -25.53 0.70
C ALA B 270 -13.22 -26.27 1.97
N ILE B 271 -14.49 -26.10 2.34
CA ILE B 271 -15.06 -26.86 3.47
C ILE B 271 -15.62 -28.24 3.10
N LYS B 272 -15.94 -28.41 1.81
CA LYS B 272 -16.59 -29.66 1.32
C LYS B 272 -15.92 -30.97 1.76
N PRO B 273 -14.57 -31.08 1.73
CA PRO B 273 -14.02 -32.39 2.11
C PRO B 273 -14.34 -32.81 3.53
N PHE B 274 -14.49 -31.86 4.46
CA PHE B 274 -14.76 -32.20 5.85
C PHE B 274 -16.14 -32.79 6.06
N VAL B 275 -17.10 -32.31 5.29
CA VAL B 275 -18.49 -32.80 5.34
C VAL B 275 -18.56 -34.19 4.73
N ILE B 276 -17.87 -34.37 3.60
CA ILE B 276 -17.73 -35.70 3.02
C ILE B 276 -17.02 -36.65 4.00
N ALA B 277 -15.88 -36.23 4.53
CA ALA B 277 -15.16 -37.04 5.54
C ALA B 277 -16.05 -37.43 6.74
N LYS B 278 -16.78 -36.46 7.30
CA LYS B 278 -17.69 -36.72 8.43
C LYS B 278 -18.80 -37.73 8.07
N ALA B 279 -19.41 -37.56 6.90
CA ALA B 279 -20.40 -38.50 6.40
C ALA B 279 -19.84 -39.93 6.31
N LEU B 280 -18.62 -40.08 5.76
CA LEU B 280 -17.96 -41.39 5.74
C LEU B 280 -17.63 -41.93 7.14
N ASP B 281 -16.99 -41.09 7.95
CA ASP B 281 -16.59 -41.45 9.33
C ASP B 281 -17.75 -42.00 10.15
N ALA B 282 -18.90 -41.33 10.12
CA ALA B 282 -20.09 -41.77 10.86
C ALA B 282 -20.79 -42.99 10.23
N GLY B 283 -20.43 -43.33 8.99
CA GLY B 283 -21.08 -44.43 8.28
C GLY B 283 -22.43 -44.05 7.72
N LYS B 284 -22.67 -42.74 7.53
CA LYS B 284 -23.90 -42.24 6.88
C LYS B 284 -23.86 -42.41 5.36
N THR B 285 -22.65 -42.62 4.84
CA THR B 285 -22.43 -43.01 3.45
C THR B 285 -21.18 -43.91 3.32
N ASP B 286 -20.94 -44.39 2.11
CA ASP B 286 -19.73 -45.17 1.81
C ASP B 286 -19.23 -44.89 0.39
N LEU B 287 -18.12 -45.52 0.03
CA LEU B 287 -17.47 -45.26 -1.26
C LEU B 287 -18.25 -45.81 -2.48
N ASN B 288 -19.29 -46.62 -2.23
CA ASN B 288 -20.10 -47.21 -3.30
C ASN B 288 -21.38 -46.44 -3.68
N GLU B 289 -22.00 -45.75 -2.72
CA GLU B 289 -23.31 -45.11 -2.91
C GLU B 289 -23.32 -44.09 -4.06
N ARG B 290 -24.29 -44.20 -4.96
CA ARG B 290 -24.56 -43.12 -5.92
C ARG B 290 -25.67 -42.31 -5.27
N LEU B 291 -25.55 -40.99 -5.28
CA LEU B 291 -26.66 -40.19 -4.77
C LEU B 291 -27.34 -39.52 -5.93
N ASN B 292 -28.65 -39.30 -5.81
CA ASN B 292 -29.32 -38.37 -6.70
C ASN B 292 -28.79 -36.96 -6.43
N THR B 293 -28.15 -36.40 -7.43
CA THR B 293 -27.54 -35.06 -7.30
C THR B 293 -28.19 -34.03 -8.23
N GLN B 294 -29.44 -34.28 -8.59
CA GLN B 294 -30.24 -33.31 -9.33
C GLN B 294 -30.62 -32.08 -8.50
N PRO B 295 -30.86 -30.95 -9.17
CA PRO B 295 -31.38 -29.81 -8.40
C PRO B 295 -32.64 -30.23 -7.61
N TYR B 296 -32.71 -29.75 -6.36
CA TYR B 296 -33.81 -30.06 -5.48
C TYR B 296 -34.10 -28.75 -4.72
N LYS B 297 -35.07 -28.82 -3.82
CA LYS B 297 -35.53 -27.66 -3.07
C LYS B 297 -35.65 -28.04 -1.62
N ILE B 298 -35.24 -27.11 -0.77
CA ILE B 298 -35.49 -27.17 0.67
C ILE B 298 -36.58 -26.13 0.92
N GLY B 299 -37.81 -26.61 1.12
CA GLY B 299 -39.01 -25.78 1.08
C GLY B 299 -39.02 -25.06 -0.27
N PRO B 300 -39.05 -23.72 -0.24
CA PRO B 300 -39.03 -22.94 -1.49
C PRO B 300 -37.62 -22.64 -2.02
N SER B 301 -36.60 -23.01 -1.26
CA SER B 301 -35.24 -22.66 -1.60
C SER B 301 -34.48 -23.66 -2.48
N PRO B 302 -34.04 -23.22 -3.67
CA PRO B 302 -33.40 -24.11 -4.65
C PRO B 302 -31.92 -24.43 -4.23
N VAL B 303 -31.53 -25.71 -4.29
CA VAL B 303 -30.09 -26.06 -4.23
C VAL B 303 -29.72 -26.68 -5.58
N ARG B 304 -28.63 -26.17 -6.18
CA ARG B 304 -28.07 -26.65 -7.47
C ARG B 304 -26.55 -26.44 -7.64
N ASP B 305 -25.99 -27.17 -8.63
CA ASP B 305 -24.57 -27.06 -9.02
C ASP B 305 -24.52 -26.13 -10.24
N THR B 306 -23.34 -25.80 -10.72
CA THR B 306 -23.21 -25.08 -12.00
C THR B 306 -23.83 -25.84 -13.18
N HIS B 307 -23.63 -27.15 -13.22
CA HIS B 307 -24.22 -28.02 -14.27
C HIS B 307 -25.11 -29.03 -13.58
N VAL B 308 -25.88 -29.82 -14.31
CA VAL B 308 -26.65 -30.91 -13.73
C VAL B 308 -25.87 -32.23 -13.86
N TYR B 309 -25.62 -32.87 -12.72
CA TYR B 309 -25.05 -34.21 -12.67
C TYR B 309 -26.19 -35.04 -12.10
N PRO B 310 -26.78 -35.96 -12.92
CA PRO B 310 -27.95 -36.71 -12.42
C PRO B 310 -27.61 -37.55 -11.18
N SER B 311 -26.42 -38.16 -11.18
CA SER B 311 -25.92 -38.85 -9.98
C SER B 311 -24.40 -38.89 -9.87
N LEU B 312 -23.92 -38.94 -8.62
CA LEU B 312 -22.50 -38.99 -8.31
C LEU B 312 -22.29 -39.88 -7.09
N ASP B 313 -21.16 -40.59 -7.02
CA ASP B 313 -20.66 -41.20 -5.79
C ASP B 313 -19.85 -40.15 -5.01
N VAL B 314 -19.32 -40.46 -3.81
CA VAL B 314 -18.60 -39.43 -3.01
C VAL B 314 -17.43 -38.82 -3.76
N ARG B 315 -16.78 -39.66 -4.57
CA ARG B 315 -15.70 -39.27 -5.44
C ARG B 315 -16.14 -38.19 -6.45
N GLY B 316 -17.20 -38.43 -7.23
CA GLY B 316 -17.78 -37.41 -8.11
C GLY B 316 -18.14 -36.11 -7.33
N ILE B 317 -18.80 -36.25 -6.18
CA ILE B 317 -19.14 -35.08 -5.33
C ILE B 317 -17.87 -34.25 -4.99
N MET B 318 -16.77 -34.94 -4.67
CA MET B 318 -15.47 -34.30 -4.44
C MET B 318 -14.92 -33.66 -5.74
N GLN B 319 -14.81 -34.48 -6.79
CA GLN B 319 -14.23 -34.09 -8.06
C GLN B 319 -14.89 -32.85 -8.69
N LYS B 320 -16.20 -32.87 -8.75
CA LYS B 320 -16.99 -31.83 -9.38
C LYS B 320 -17.42 -30.73 -8.41
N SER B 321 -17.12 -30.93 -7.14
CA SER B 321 -17.38 -29.94 -6.11
C SER B 321 -18.87 -29.62 -5.97
N SER B 322 -19.68 -30.69 -5.94
CA SER B 322 -21.13 -30.61 -5.95
C SER B 322 -21.75 -30.06 -4.65
N ASN B 323 -22.43 -28.91 -4.81
CA ASN B 323 -23.28 -28.36 -3.73
C ASN B 323 -24.46 -29.27 -3.39
N VAL B 324 -25.07 -29.89 -4.41
CA VAL B 324 -26.21 -30.79 -4.17
C VAL B 324 -25.69 -31.97 -3.34
N GLY B 325 -24.56 -32.54 -3.74
CA GLY B 325 -24.06 -33.74 -3.09
C GLY B 325 -23.55 -33.52 -1.68
N THR B 326 -22.86 -32.42 -1.48
CA THR B 326 -22.37 -32.06 -0.14
C THR B 326 -23.54 -31.72 0.78
N SER B 327 -24.55 -30.98 0.30
CA SER B 327 -25.64 -30.54 1.17
C SER B 327 -26.54 -31.74 1.55
N LYS B 328 -26.64 -32.73 0.67
CA LYS B 328 -27.36 -33.96 1.02
C LYS B 328 -26.61 -34.80 2.04
N LEU B 329 -25.29 -34.80 1.98
CA LEU B 329 -24.53 -35.56 2.99
C LEU B 329 -24.67 -34.90 4.37
N SER B 330 -24.59 -33.58 4.39
CA SER B 330 -24.77 -32.83 5.62
C SER B 330 -26.17 -33.03 6.20
N ALA B 331 -27.19 -33.09 5.34
CA ALA B 331 -28.62 -33.19 5.79
C ALA B 331 -28.97 -34.52 6.49
N ARG B 332 -28.07 -35.50 6.38
CA ARG B 332 -28.17 -36.76 7.11
C ARG B 332 -27.69 -36.59 8.54
N PHE B 333 -27.15 -35.42 8.87
CA PHE B 333 -26.84 -35.08 10.26
C PHE B 333 -27.82 -34.07 10.89
N GLY B 334 -27.98 -34.14 12.21
CA GLY B 334 -28.71 -33.11 12.95
C GLY B 334 -27.91 -31.79 12.99
N ALA B 335 -28.65 -30.70 13.24
CA ALA B 335 -28.12 -29.36 13.24
C ALA B 335 -27.04 -29.24 14.30
N GLU B 336 -27.36 -29.75 15.49
CA GLU B 336 -26.45 -29.75 16.61
C GLU B 336 -25.19 -30.57 16.30
N GLU B 337 -25.35 -31.78 15.75
CA GLU B 337 -24.19 -32.58 15.30
C GLU B 337 -23.28 -31.82 14.35
N MET B 338 -23.85 -31.16 13.34
CA MET B 338 -23.03 -30.44 12.36
C MET B 338 -22.35 -29.23 12.98
N TYR B 339 -23.07 -28.50 13.85
CA TYR B 339 -22.54 -27.38 14.58
C TYR B 339 -21.35 -27.79 15.43
N ASP B 340 -21.47 -28.92 16.11
CA ASP B 340 -20.43 -29.42 17.03
C ASP B 340 -19.18 -29.79 16.26
N PHE B 341 -19.40 -30.29 15.05
CA PHE B 341 -18.35 -30.66 14.13
C PHE B 341 -17.61 -29.43 13.60
N TYR B 342 -18.35 -28.45 13.10
CA TYR B 342 -17.71 -27.21 12.67
C TYR B 342 -16.90 -26.58 13.82
N HIS B 343 -17.46 -26.63 15.04
CA HIS B 343 -16.82 -26.07 16.22
C HIS B 343 -15.49 -26.77 16.52
N GLU B 344 -15.49 -28.10 16.44
CA GLU B 344 -14.32 -28.93 16.76
C GLU B 344 -13.20 -28.71 15.78
N LEU B 345 -13.55 -28.39 14.54
CA LEU B 345 -12.57 -28.00 13.51
C LEU B 345 -11.97 -26.62 13.79
N GLY B 346 -12.50 -25.94 14.82
CA GLY B 346 -12.05 -24.59 15.21
C GLY B 346 -12.82 -23.44 14.59
N ILE B 347 -13.95 -23.69 13.91
CA ILE B 347 -14.72 -22.59 13.28
C ILE B 347 -15.56 -21.86 14.36
N GLY B 348 -15.49 -20.53 14.34
CA GLY B 348 -16.29 -19.70 15.26
C GLY B 348 -15.68 -19.40 16.63
N VAL B 349 -14.48 -19.89 16.87
CA VAL B 349 -13.66 -19.49 18.05
C VAL B 349 -12.24 -19.14 17.63
N ARG B 350 -11.55 -18.43 18.49
CA ARG B 350 -10.15 -18.03 18.23
C ARG B 350 -9.24 -19.24 18.31
N MET B 351 -8.26 -19.27 17.42
CA MET B 351 -7.22 -20.29 17.43
C MET B 351 -6.40 -20.30 18.75
N HIS B 352 -6.15 -19.11 19.33
CA HIS B 352 -5.09 -18.89 20.36
C HIS B 352 -3.71 -19.42 19.89
N SER B 353 -3.35 -19.06 18.65
CA SER B 353 -2.07 -19.40 18.05
C SER B 353 -0.91 -18.77 18.82
N GLY B 354 -1.15 -17.61 19.40
CA GLY B 354 -0.09 -16.81 19.96
C GLY B 354 0.16 -15.54 19.16
N PHE B 355 -0.36 -15.44 17.93
CA PHE B 355 -0.34 -14.18 17.15
C PHE B 355 -1.38 -13.23 17.74
N PRO B 356 -1.12 -11.90 17.69
CA PRO B 356 -2.16 -10.93 18.11
C PRO B 356 -3.18 -10.64 16.98
N GLY B 357 -4.31 -10.04 17.37
CA GLY B 357 -5.36 -9.67 16.42
C GLY B 357 -6.16 -10.78 15.76
N GLU B 358 -6.14 -11.99 16.31
CA GLU B 358 -6.87 -13.14 15.71
C GLU B 358 -8.34 -12.85 15.58
N THR B 359 -8.94 -13.27 14.48
CA THR B 359 -10.41 -13.22 14.36
C THR B 359 -10.98 -14.40 15.14
N ALA B 360 -12.22 -14.26 15.54
CA ALA B 360 -12.97 -15.34 16.17
C ALA B 360 -13.69 -16.14 15.11
N GLY B 361 -13.77 -15.64 13.88
CA GLY B 361 -14.57 -16.34 12.85
C GLY B 361 -16.08 -16.19 13.12
N LEU B 362 -16.89 -17.09 12.58
CA LEU B 362 -18.35 -16.96 12.65
C LEU B 362 -18.93 -18.36 12.46
N LEU B 363 -19.62 -18.81 13.50
CA LEU B 363 -20.42 -20.01 13.50
C LEU B 363 -21.71 -19.70 14.26
N ARG B 364 -22.81 -19.41 13.56
CA ARG B 364 -24.13 -19.15 14.20
C ARG B 364 -24.57 -20.35 15.00
N ASN B 365 -25.20 -20.07 16.13
CA ASN B 365 -25.81 -21.11 16.96
C ASN B 365 -26.86 -22.02 16.23
N TRP B 366 -26.64 -23.32 16.32
CA TRP B 366 -27.50 -24.33 15.67
C TRP B 366 -28.99 -24.22 16.00
N ARG B 367 -29.33 -23.78 17.21
CA ARG B 367 -30.73 -23.63 17.63
C ARG B 367 -31.52 -22.68 16.72
N ARG B 368 -30.81 -21.78 16.04
CA ARG B 368 -31.42 -20.77 15.18
C ARG B 368 -31.33 -21.09 13.70
N TRP B 369 -30.68 -22.19 13.35
CA TRP B 369 -30.51 -22.58 11.94
C TRP B 369 -31.84 -22.97 11.34
N ARG B 370 -32.08 -22.54 10.11
CA ARG B 370 -33.02 -23.21 9.20
C ARG B 370 -32.32 -24.33 8.41
N PRO B 371 -33.09 -25.35 7.94
CA PRO B 371 -32.44 -26.37 7.02
C PRO B 371 -31.69 -25.79 5.80
N ILE B 372 -32.19 -24.73 5.19
CA ILE B 372 -31.45 -24.12 4.10
C ILE B 372 -30.08 -23.57 4.53
N GLU B 373 -29.96 -23.06 5.77
CA GLU B 373 -28.65 -22.57 6.27
C GLU B 373 -27.68 -23.68 6.54
N GLN B 374 -28.13 -24.77 7.16
CA GLN B 374 -27.32 -25.99 7.27
C GLN B 374 -26.78 -26.41 5.92
N ALA B 375 -27.63 -26.38 4.89
CA ALA B 375 -27.18 -26.77 3.53
C ALA B 375 -26.14 -25.77 2.98
N THR B 376 -26.40 -24.46 3.11
CA THR B 376 -25.45 -23.46 2.57
C THR B 376 -24.11 -23.42 3.34
N MET B 377 -24.16 -23.72 4.64
CA MET B 377 -22.94 -23.94 5.43
C MET B 377 -22.07 -25.11 4.93
N SER B 378 -22.72 -26.17 4.45
CA SER B 378 -22.01 -27.38 4.01
C SER B 378 -21.21 -27.13 2.75
N PHE B 379 -21.65 -26.19 1.92
CA PHE B 379 -20.84 -25.72 0.82
C PHE B 379 -20.12 -24.35 1.03
N GLY B 380 -19.96 -24.00 2.31
CA GLY B 380 -19.02 -22.95 2.74
C GLY B 380 -19.50 -21.52 2.83
N TYR B 381 -20.82 -21.33 2.97
CA TYR B 381 -21.39 -20.01 3.09
C TYR B 381 -22.09 -19.86 4.42
N GLY B 382 -21.99 -18.67 5.03
CA GLY B 382 -22.71 -18.37 6.26
C GLY B 382 -21.91 -18.72 7.50
N LEU B 383 -20.73 -19.32 7.30
CA LEU B 383 -19.77 -19.50 8.38
C LEU B 383 -18.44 -18.98 7.86
N GLN B 384 -17.55 -18.56 8.77
CA GLN B 384 -16.32 -17.88 8.37
C GLN B 384 -15.16 -18.26 9.27
N LEU B 385 -13.94 -18.15 8.72
CA LEU B 385 -12.71 -18.47 9.42
C LEU B 385 -11.57 -17.80 8.66
N SER B 386 -10.45 -17.57 9.35
CA SER B 386 -9.27 -16.98 8.72
C SER B 386 -8.56 -17.99 7.83
N LEU B 387 -7.70 -17.52 6.91
CA LEU B 387 -6.89 -18.49 6.13
C LEU B 387 -6.05 -19.46 7.01
N LEU B 388 -5.53 -18.96 8.14
CA LEU B 388 -4.77 -19.79 9.06
C LEU B 388 -5.60 -20.92 9.72
N GLN B 389 -6.85 -20.60 10.08
CA GLN B 389 -7.79 -21.55 10.63
C GLN B 389 -8.16 -22.59 9.60
N LEU B 390 -8.36 -22.16 8.35
CA LEU B 390 -8.60 -23.06 7.26
C LEU B 390 -7.41 -24.01 7.04
N ALA B 391 -6.21 -23.46 6.97
CA ALA B 391 -5.02 -24.32 6.73
C ALA B 391 -4.89 -25.33 7.87
N ARG B 392 -5.14 -24.89 9.10
CA ARG B 392 -5.10 -25.77 10.27
C ARG B 392 -6.13 -26.91 10.25
N ALA B 393 -7.39 -26.59 9.92
CA ALA B 393 -8.42 -27.60 9.74
C ALA B 393 -7.94 -28.77 8.82
N TYR B 394 -7.13 -28.44 7.81
CA TYR B 394 -6.60 -29.44 6.88
C TYR B 394 -5.63 -30.46 7.51
N THR B 395 -5.01 -30.11 8.65
CA THR B 395 -4.18 -31.09 9.39
C THR B 395 -4.96 -32.31 9.84
N ALA B 396 -6.28 -32.18 10.00
CA ALA B 396 -7.13 -33.32 10.36
C ALA B 396 -7.21 -34.29 9.16
N LEU B 397 -7.08 -33.76 7.95
CA LEU B 397 -7.01 -34.61 6.78
C LEU B 397 -5.59 -35.15 6.58
N THR B 398 -4.56 -34.33 6.78
CA THR B 398 -3.18 -34.77 6.54
C THR B 398 -2.56 -35.64 7.63
N HIS B 399 -2.92 -35.39 8.87
CA HIS B 399 -2.27 -36.03 10.01
C HIS B 399 -3.19 -37.13 10.56
N ASP B 400 -3.65 -37.96 9.63
CA ASP B 400 -4.37 -39.21 9.91
C ASP B 400 -5.63 -39.08 10.76
N GLY B 401 -6.36 -37.97 10.60
CA GLY B 401 -7.62 -37.74 11.27
C GLY B 401 -7.50 -36.93 12.54
N VAL B 402 -6.27 -36.61 12.92
CA VAL B 402 -5.99 -35.91 14.17
C VAL B 402 -5.70 -34.43 13.87
N LEU B 403 -6.59 -33.55 14.34
CA LEU B 403 -6.37 -32.10 14.19
C LEU B 403 -5.26 -31.62 15.11
N LEU B 404 -4.36 -30.82 14.56
CA LEU B 404 -3.18 -30.36 15.29
C LEU B 404 -3.28 -28.89 15.70
N PRO B 405 -2.64 -28.52 16.84
CA PRO B 405 -2.44 -27.09 17.11
C PRO B 405 -1.30 -26.57 16.24
N LEU B 406 -1.40 -25.33 15.77
CA LEU B 406 -0.35 -24.72 15.01
C LEU B 406 0.78 -24.18 15.91
N SER B 407 1.99 -24.11 15.36
CA SER B 407 3.14 -23.53 16.04
C SER B 407 3.83 -22.53 15.14
N PHE B 408 4.22 -21.40 15.72
CA PHE B 408 5.09 -20.44 15.06
C PHE B 408 6.51 -20.64 15.55
N GLU B 409 6.65 -21.47 16.59
CA GLU B 409 7.95 -21.76 17.22
C GLU B 409 8.40 -23.18 16.84
N LYS B 410 9.66 -23.34 16.44
CA LYS B 410 10.23 -24.64 16.05
C LYS B 410 9.97 -25.72 17.09
N GLN B 411 9.45 -26.88 16.68
CA GLN B 411 9.16 -27.96 17.63
C GLN B 411 10.13 -29.13 17.41
N ALA B 412 10.46 -29.86 18.49
CA ALA B 412 11.24 -31.11 18.37
C ALA B 412 10.39 -32.26 17.77
N VAL B 413 9.10 -32.28 18.13
CA VAL B 413 8.11 -33.29 17.66
C VAL B 413 6.72 -32.68 17.49
N ALA B 414 5.86 -33.37 16.72
CA ALA B 414 4.44 -33.01 16.60
C ALA B 414 3.81 -32.95 17.99
N PRO B 415 3.02 -31.90 18.28
CA PRO B 415 2.30 -31.87 19.55
C PRO B 415 1.09 -32.81 19.48
N GLN B 416 0.51 -33.14 20.63
CA GLN B 416 -0.68 -33.97 20.64
C GLN B 416 -1.84 -33.12 20.12
N GLY B 417 -2.76 -33.77 19.41
CA GLY B 417 -3.90 -33.09 18.84
C GLY B 417 -5.21 -33.64 19.32
N LYS B 418 -6.25 -33.43 18.52
CA LYS B 418 -7.57 -33.94 18.82
C LYS B 418 -8.05 -34.79 17.62
N ARG B 419 -8.47 -36.01 17.92
CA ARG B 419 -9.01 -36.91 16.91
C ARG B 419 -10.37 -36.39 16.40
N ILE B 420 -10.42 -36.10 15.10
CA ILE B 420 -11.65 -35.68 14.41
C ILE B 420 -12.24 -36.86 13.58
N PHE B 421 -11.38 -37.55 12.82
CA PHE B 421 -11.75 -38.71 12.01
C PHE B 421 -10.85 -39.92 12.28
N LYS B 422 -11.35 -41.11 11.99
CA LYS B 422 -10.54 -42.31 12.00
C LYS B 422 -9.42 -42.17 10.96
N GLU B 423 -8.29 -42.81 11.20
CA GLU B 423 -7.17 -42.84 10.26
C GLU B 423 -7.64 -43.36 8.88
N SEP B 424 -8.40 -44.47 8.91
CA SEP B 424 -9.10 -45.08 7.76
CB SEP B 424 -10.03 -46.24 8.24
OG SEP B 424 -10.26 -46.36 9.69
C SEP B 424 -9.79 -43.99 6.92
O SEP B 424 -9.55 -43.90 5.71
P SEP B 424 -9.36 -47.10 10.89
O1P SEP B 424 -9.56 -48.58 10.64
O2P SEP B 424 -9.83 -46.69 12.26
O3P SEP B 424 -7.93 -46.63 10.69
N THR B 425 -10.60 -43.14 7.58
CA THR B 425 -11.36 -42.08 6.92
C THR B 425 -10.47 -41.01 6.26
N ALA B 426 -9.43 -40.57 6.95
CA ALA B 426 -8.57 -39.50 6.45
C ALA B 426 -7.81 -39.98 5.21
N ARG B 427 -7.33 -41.22 5.28
CA ARG B 427 -6.65 -41.86 4.18
C ARG B 427 -7.57 -41.90 2.95
N GLU B 428 -8.81 -42.37 3.11
CA GLU B 428 -9.77 -42.44 1.99
C GLU B 428 -10.03 -41.07 1.35
N VAL B 429 -10.32 -40.05 2.18
CA VAL B 429 -10.64 -38.68 1.75
C VAL B 429 -9.51 -38.05 0.94
N ARG B 430 -8.27 -38.22 1.41
CA ARG B 430 -7.07 -37.75 0.69
C ARG B 430 -7.03 -38.23 -0.75
N ASN B 431 -7.34 -39.51 -0.94
CA ASN B 431 -7.41 -40.12 -2.26
C ASN B 431 -8.50 -39.48 -3.11
N LEU B 432 -9.71 -39.39 -2.56
CA LEU B 432 -10.83 -38.72 -3.22
C LEU B 432 -10.42 -37.31 -3.72
N MET B 433 -9.59 -36.62 -2.91
CA MET B 433 -9.21 -35.25 -3.19
C MET B 433 -8.23 -35.09 -4.35
N VAL B 434 -7.41 -36.13 -4.61
CA VAL B 434 -6.58 -36.19 -5.81
C VAL B 434 -7.44 -35.98 -7.08
N SER B 435 -8.68 -36.45 -7.08
CA SER B 435 -9.51 -36.29 -8.30
C SER B 435 -9.77 -34.82 -8.68
N VAL B 436 -9.75 -33.91 -7.71
CA VAL B 436 -9.88 -32.47 -7.95
C VAL B 436 -8.81 -31.90 -8.89
N THR B 437 -7.57 -32.38 -8.76
CA THR B 437 -6.47 -31.92 -9.60
C THR B 437 -6.19 -32.76 -10.88
N GLU B 438 -6.83 -33.92 -11.02
CA GLU B 438 -6.77 -34.74 -12.24
C GLU B 438 -7.89 -34.27 -13.21
N PRO B 439 -7.78 -34.59 -14.54
CA PRO B 439 -8.81 -34.22 -15.54
C PRO B 439 -10.24 -34.59 -15.13
N GLY B 440 -11.19 -33.68 -15.38
CA GLY B 440 -12.55 -33.81 -14.87
C GLY B 440 -12.76 -33.10 -13.53
N GLY B 441 -11.67 -32.67 -12.87
CA GLY B 441 -11.76 -32.02 -11.58
C GLY B 441 -11.96 -30.52 -11.72
N THR B 442 -12.16 -29.83 -10.61
CA THR B 442 -12.41 -28.39 -10.62
C THR B 442 -11.12 -27.61 -10.34
N GLY B 443 -10.06 -28.30 -9.93
CA GLY B 443 -8.78 -27.65 -9.65
C GLY B 443 -7.55 -28.20 -10.33
N THR B 444 -7.65 -28.45 -11.65
CA THR B 444 -6.54 -29.04 -12.45
C THR B 444 -5.29 -28.14 -12.50
N ALA B 445 -5.48 -26.83 -12.42
CA ALA B 445 -4.36 -25.87 -12.41
C ALA B 445 -3.38 -26.03 -11.22
N GLY B 446 -3.85 -26.67 -10.15
CA GLY B 446 -3.00 -26.95 -9.00
C GLY B 446 -2.19 -28.24 -9.04
N ALA B 447 -2.29 -29.03 -10.12
CA ALA B 447 -1.48 -30.27 -10.27
C ALA B 447 0.00 -29.95 -10.28
N VAL B 448 0.78 -30.81 -9.62
CA VAL B 448 2.23 -30.62 -9.50
C VAL B 448 2.92 -31.85 -10.09
N ASP B 449 3.82 -31.59 -11.03
CA ASP B 449 4.50 -32.65 -11.80
C ASP B 449 5.30 -33.52 -10.83
N GLY B 450 5.09 -34.82 -10.93
CA GLY B 450 5.81 -35.78 -10.13
C GLY B 450 5.11 -36.24 -8.88
N PHE B 451 3.95 -35.62 -8.60
CA PHE B 451 3.22 -35.87 -7.37
C PHE B 451 1.72 -35.96 -7.58
N ASP B 452 1.05 -36.67 -6.66
CA ASP B 452 -0.40 -36.53 -6.47
C ASP B 452 -0.74 -35.47 -5.45
N VAL B 453 -1.68 -34.61 -5.80
CA VAL B 453 -2.03 -33.44 -5.03
C VAL B 453 -3.53 -33.48 -4.74
N GLY B 454 -3.89 -33.35 -3.45
CA GLY B 454 -5.27 -33.25 -3.05
C GLY B 454 -5.52 -31.78 -2.77
N ALA B 455 -6.60 -31.23 -3.33
CA ALA B 455 -6.87 -29.83 -3.20
C ALA B 455 -8.36 -29.48 -3.26
N LYS B 456 -8.68 -28.24 -2.91
CA LYS B 456 -9.99 -27.63 -3.17
C LYS B 456 -9.76 -26.19 -3.59
N THR B 457 -10.62 -25.70 -4.46
CA THR B 457 -10.53 -24.35 -4.91
C THR B 457 -11.91 -23.76 -5.06
N GLY B 458 -12.04 -22.44 -4.97
CA GLY B 458 -13.28 -21.78 -5.37
C GLY B 458 -13.18 -20.29 -5.17
N THR B 459 -14.23 -19.59 -5.57
CA THR B 459 -14.29 -18.17 -5.50
C THR B 459 -15.61 -17.78 -4.83
N THR B 460 -15.57 -16.77 -3.95
CA THR B 460 -16.82 -16.25 -3.34
C THR B 460 -16.93 -14.73 -3.56
N ARG B 461 -18.13 -14.18 -3.62
CA ARG B 461 -18.19 -12.69 -3.69
C ARG B 461 -17.70 -12.02 -2.40
N LYS B 462 -16.88 -10.96 -2.51
CA LYS B 462 -16.23 -10.34 -1.33
C LYS B 462 -17.24 -9.75 -0.35
N LEU B 463 -16.95 -9.99 0.93
CA LEU B 463 -17.62 -9.33 2.05
C LEU B 463 -16.83 -8.15 2.57
N VAL B 464 -17.42 -6.96 2.53
CA VAL B 464 -17.00 -5.85 3.44
C VAL B 464 -18.15 -5.38 4.35
N ASN B 465 -17.86 -5.44 5.65
CA ASN B 465 -18.82 -5.17 6.73
C ASN B 465 -20.11 -5.99 6.64
N GLY B 466 -19.95 -7.31 6.44
CA GLY B 466 -21.05 -8.26 6.34
C GLY B 466 -22.08 -7.98 5.25
N ARG B 467 -21.65 -7.40 4.12
CA ARG B 467 -22.41 -7.42 2.83
C ARG B 467 -21.53 -7.57 1.57
N TYR B 468 -22.17 -8.03 0.48
CA TYR B 468 -21.50 -8.26 -0.79
C TYR B 468 -21.42 -6.98 -1.62
N VAL B 469 -20.20 -6.61 -2.00
CA VAL B 469 -19.95 -5.50 -2.94
C VAL B 469 -20.07 -6.03 -4.36
N ASP B 470 -20.46 -5.14 -5.29
CA ASP B 470 -20.55 -5.47 -6.71
C ASP B 470 -19.18 -5.72 -7.33
N ASN B 471 -19.12 -6.70 -8.24
CA ASN B 471 -17.93 -7.03 -9.05
C ASN B 471 -16.66 -7.40 -8.25
N LYS B 472 -16.82 -7.85 -7.01
CA LYS B 472 -15.65 -8.14 -6.18
C LYS B 472 -15.66 -9.51 -5.56
N HIS B 473 -14.53 -10.21 -5.72
CA HIS B 473 -14.44 -11.64 -5.41
C HIS B 473 -13.15 -12.03 -4.71
N VAL B 474 -13.18 -13.19 -4.06
CA VAL B 474 -12.04 -13.72 -3.35
C VAL B 474 -11.86 -15.14 -3.82
N GLY B 475 -10.72 -15.40 -4.47
CA GLY B 475 -10.36 -16.74 -4.93
C GLY B 475 -9.43 -17.39 -3.94
N THR B 476 -9.66 -18.67 -3.71
CA THR B 476 -8.87 -19.50 -2.82
C THR B 476 -8.50 -20.82 -3.47
N PHE B 477 -7.31 -21.32 -3.14
CA PHE B 477 -6.85 -22.63 -3.57
C PHE B 477 -6.11 -23.21 -2.38
N ILE B 478 -6.48 -24.39 -1.94
CA ILE B 478 -5.82 -24.98 -0.77
C ILE B 478 -5.56 -26.45 -1.03
N GLY B 479 -4.45 -26.97 -0.56
CA GLY B 479 -4.23 -28.39 -0.70
C GLY B 479 -2.94 -28.91 -0.11
N PHE B 480 -2.62 -30.16 -0.47
CA PHE B 480 -1.53 -30.90 0.16
C PHE B 480 -0.92 -31.93 -0.80
N ALA B 481 0.32 -32.32 -0.49
CA ALA B 481 1.12 -33.29 -1.26
C ALA B 481 2.27 -33.81 -0.39
N PRO B 482 2.77 -35.05 -0.60
CA PRO B 482 2.15 -36.09 -1.51
C PRO B 482 0.83 -36.55 -0.94
N ALA B 483 -0.17 -36.73 -1.79
CA ALA B 483 -1.53 -37.02 -1.34
C ALA B 483 -1.61 -38.19 -0.34
N LYS B 484 -0.91 -39.28 -0.62
CA LYS B 484 -0.91 -40.46 0.25
C LYS B 484 -0.15 -40.27 1.57
N ASN B 485 1.02 -39.62 1.49
CA ASN B 485 1.87 -39.35 2.67
C ASN B 485 2.18 -37.84 2.78
N PRO B 486 1.18 -37.04 3.18
CA PRO B 486 1.34 -35.57 3.04
C PRO B 486 2.43 -34.99 3.87
N ARG B 487 3.18 -34.05 3.28
CA ARG B 487 4.23 -33.34 3.97
C ARG B 487 4.01 -31.82 4.07
N VAL B 488 3.30 -31.25 3.09
CA VAL B 488 3.07 -29.80 3.03
C VAL B 488 1.59 -29.52 2.83
N ILE B 489 1.06 -28.50 3.53
CA ILE B 489 -0.21 -27.87 3.18
C ILE B 489 0.10 -26.47 2.67
N VAL B 490 -0.45 -26.12 1.51
CA VAL B 490 -0.33 -24.76 0.98
C VAL B 490 -1.72 -24.18 0.79
N ALA B 491 -1.89 -22.95 1.27
CA ALA B 491 -3.17 -22.25 1.19
C ALA B 491 -2.90 -20.86 0.64
N VAL B 492 -3.62 -20.48 -0.42
CA VAL B 492 -3.42 -19.21 -1.14
C VAL B 492 -4.80 -18.59 -1.34
N THR B 493 -4.95 -17.30 -0.98
CA THR B 493 -6.14 -16.51 -1.32
C THR B 493 -5.70 -15.27 -2.06
N ILE B 494 -6.48 -14.89 -3.07
CA ILE B 494 -6.22 -13.69 -3.87
C ILE B 494 -7.46 -12.84 -3.76
N ASP B 495 -7.27 -11.64 -3.25
CA ASP B 495 -8.36 -10.76 -2.86
C ASP B 495 -8.56 -9.73 -3.96
N GLU B 496 -9.78 -9.74 -4.53
CA GLU B 496 -10.18 -8.88 -5.69
C GLU B 496 -9.39 -8.95 -7.03
N PRO B 497 -9.26 -10.15 -7.63
CA PRO B 497 -8.65 -10.13 -8.99
C PRO B 497 -9.51 -9.29 -9.93
N THR B 498 -8.88 -8.46 -10.78
CA THR B 498 -9.61 -7.62 -11.73
C THR B 498 -9.18 -7.92 -13.17
N ALA B 499 -8.14 -8.73 -13.33
CA ALA B 499 -7.65 -9.08 -14.67
C ALA B 499 -7.41 -10.59 -14.78
N HIS B 500 -7.59 -11.12 -15.99
CA HIS B 500 -7.33 -12.54 -16.31
C HIS B 500 -8.09 -13.62 -15.50
N GLY B 501 -9.38 -13.38 -15.24
CA GLY B 501 -10.24 -14.37 -14.57
C GLY B 501 -10.51 -14.23 -13.08
N TYR B 502 -11.51 -14.95 -12.60
CA TYR B 502 -11.99 -14.78 -11.23
C TYR B 502 -11.88 -16.05 -10.44
N TYR B 503 -12.03 -17.18 -11.15
CA TYR B 503 -12.02 -18.49 -10.53
C TYR B 503 -10.75 -18.82 -9.78
N GLY B 504 -10.91 -19.35 -8.59
CA GLY B 504 -9.78 -19.68 -7.72
C GLY B 504 -8.76 -20.63 -8.34
N GLY B 505 -9.26 -21.57 -9.16
CA GLY B 505 -8.42 -22.50 -9.94
C GLY B 505 -7.52 -21.71 -10.86
N VAL B 506 -8.06 -20.67 -11.49
CA VAL B 506 -7.33 -19.81 -12.41
C VAL B 506 -6.41 -18.78 -11.76
N VAL B 507 -6.79 -18.15 -10.63
CA VAL B 507 -6.00 -17.05 -10.07
C VAL B 507 -5.09 -17.45 -8.90
N ALA B 508 -5.46 -18.50 -8.18
CA ALA B 508 -4.66 -18.99 -7.07
C ALA B 508 -4.03 -20.36 -7.31
N GLY B 509 -4.43 -21.03 -8.39
CA GLY B 509 -3.91 -22.36 -8.68
C GLY B 509 -2.44 -22.32 -9.09
N SER B 510 -2.08 -21.32 -9.89
CA SER B 510 -0.71 -21.16 -10.34
C SER B 510 0.30 -20.84 -9.17
N PRO B 511 0.02 -19.82 -8.33
CA PRO B 511 0.93 -19.70 -7.17
C PRO B 511 0.91 -20.91 -6.22
N PHE B 512 -0.27 -21.52 -5.99
CA PHE B 512 -0.31 -22.78 -5.23
C PHE B 512 0.64 -23.82 -5.81
N LYS B 513 0.58 -24.02 -7.14
CA LYS B 513 1.38 -25.03 -7.86
C LYS B 513 2.87 -24.79 -7.64
N LYS B 514 3.31 -23.56 -7.92
CA LYS B 514 4.70 -23.16 -7.77
C LYS B 514 5.20 -23.24 -6.33
N ILE B 515 4.37 -22.83 -5.35
CA ILE B 515 4.77 -22.87 -3.94
C ILE B 515 4.87 -24.31 -3.42
N MET B 516 3.91 -25.15 -3.80
CA MET B 516 3.92 -26.54 -3.40
C MET B 516 5.13 -27.28 -3.99
N GLY B 517 5.30 -27.19 -5.31
CA GLY B 517 6.42 -27.83 -6.02
C GLY B 517 7.76 -27.39 -5.44
N GLY B 518 7.98 -26.06 -5.36
CA GLY B 518 9.21 -25.49 -4.79
C GLY B 518 9.44 -25.90 -3.33
N SER B 519 8.35 -25.97 -2.56
CA SER B 519 8.40 -26.41 -1.15
C SER B 519 8.81 -27.86 -1.00
N LEU B 520 8.24 -28.73 -1.83
CA LEU B 520 8.60 -30.15 -1.86
C LEU B 520 10.06 -30.35 -2.27
N ASN B 521 10.52 -29.55 -3.23
CA ASN B 521 11.92 -29.60 -3.66
C ASN B 521 12.91 -29.16 -2.55
N ILE B 522 12.58 -28.07 -1.85
CA ILE B 522 13.33 -27.57 -0.70
C ILE B 522 13.37 -28.57 0.45
N LEU B 523 12.24 -29.18 0.81
CA LEU B 523 12.22 -30.20 1.87
C LEU B 523 12.84 -31.55 1.44
N GLY B 524 13.26 -31.63 0.17
CA GLY B 524 13.99 -32.77 -0.35
C GLY B 524 13.15 -33.99 -0.63
N ILE B 525 11.87 -33.79 -0.88
CA ILE B 525 10.92 -34.89 -1.06
C ILE B 525 10.91 -35.29 -2.53
N SER B 526 11.07 -36.60 -2.75
CA SER B 526 11.13 -37.20 -4.06
C SER B 526 9.75 -37.34 -4.69
N PRO B 527 9.63 -37.04 -6.00
CA PRO B 527 8.47 -37.39 -6.83
C PRO B 527 8.07 -38.87 -6.65
N THR B 528 6.77 -39.16 -6.72
CA THR B 528 6.23 -40.52 -6.51
C THR B 528 5.81 -41.16 -7.84
N LYS B 529 5.89 -40.39 -8.91
CA LYS B 529 5.53 -40.78 -10.28
C LYS B 529 6.43 -39.96 -11.23
N PRO B 530 6.69 -40.46 -12.47
CA PRO B 530 7.68 -39.77 -13.34
C PRO B 530 7.29 -38.34 -13.79
N LEU B 531 8.32 -37.49 -13.95
CA LEU B 531 8.21 -36.10 -14.41
C LEU B 531 7.92 -35.99 -15.91
N THR B 532 6.97 -35.14 -16.31
CA THR B 532 6.71 -34.88 -17.75
C THR B 532 7.51 -33.69 -18.30
C1 GOL C . -11.03 18.68 -5.02
O1 GOL C . -10.89 17.74 -3.97
C2 GOL C . -9.67 18.99 -5.64
O2 GOL C . -8.74 19.40 -4.64
C3 GOL C . -9.88 20.11 -6.64
O3 GOL C . -8.61 20.45 -7.20
S SO4 D . -36.18 22.31 19.43
O1 SO4 D . -36.07 21.29 20.50
O2 SO4 D . -37.60 22.48 19.06
O3 SO4 D . -35.65 23.59 19.92
O4 SO4 D . -35.41 21.87 18.25
S SO4 E . -19.46 32.41 -0.32
O1 SO4 E . -19.14 31.07 0.22
O2 SO4 E . -20.84 32.43 -0.82
O3 SO4 E . -19.28 33.43 0.76
O4 SO4 E . -18.56 32.76 -1.43
S SO4 F . -16.59 21.07 -9.98
O1 SO4 F . -17.35 19.97 -10.62
O2 SO4 F . -17.56 22.11 -9.56
O3 SO4 F . -15.86 20.54 -8.80
O4 SO4 F . -15.61 21.62 -10.93
S SO4 G . -3.43 3.53 -9.87
O1 SO4 G . -4.54 3.30 -8.92
O2 SO4 G . -3.26 2.36 -10.76
O3 SO4 G . -2.17 3.74 -9.12
O4 SO4 G . -3.75 4.72 -10.70
S SO4 H . 12.62 22.40 10.19
O1 SO4 H . 11.79 23.30 9.35
O2 SO4 H . 11.95 22.16 11.48
O3 SO4 H . 13.94 23.04 10.42
O4 SO4 H . 12.83 21.10 9.50
C1 GOL I . -1.43 -6.38 15.04
O1 GOL I . -0.87 -6.77 16.31
C2 GOL I . -1.59 -7.63 14.20
O2 GOL I . -0.30 -8.04 13.72
C3 GOL I . -2.55 -7.34 13.04
O3 GOL I . -1.88 -7.05 11.82
C1 GOL J . 6.48 2.69 3.41
O1 GOL J . 5.37 2.35 4.25
C2 GOL J . 7.37 1.49 3.08
O2 GOL J . 6.58 0.36 2.66
C3 GOL J . 8.24 1.15 4.28
O3 GOL J . 7.54 0.37 5.25
S SO4 K . -34.64 -18.45 1.82
O1 SO4 K . -35.73 -19.44 1.97
O2 SO4 K . -35.06 -17.37 0.90
O3 SO4 K . -33.43 -19.11 1.27
O4 SO4 K . -34.30 -17.87 3.13
S SO4 L . 16.53 2.94 4.35
O1 SO4 L . 16.58 1.67 3.59
O2 SO4 L . 15.80 2.72 5.62
O3 SO4 L . 17.92 3.39 4.65
O4 SO4 L . 15.86 3.97 3.54
S SO4 M . 9.99 5.52 10.34
O1 SO4 M . 9.68 4.65 11.48
O2 SO4 M . 9.40 4.99 9.08
O3 SO4 M . 11.45 5.60 10.18
O4 SO4 M . 9.42 6.86 10.58
S SO4 N . -4.83 0.08 12.65
O1 SO4 N . -6.20 -0.34 12.31
O2 SO4 N . -4.35 -0.69 13.81
O3 SO4 N . -3.94 -0.19 11.49
O4 SO4 N . -4.79 1.53 12.95
S SO4 O . -27.28 -16.58 19.75
O1 SO4 O . -27.99 -17.58 18.95
O2 SO4 O . -28.22 -15.49 20.10
O3 SO4 O . -26.76 -17.22 20.97
O4 SO4 O . -26.16 -16.02 18.98
S SO4 P . 5.21 5.64 1.30
O1 SO4 P . 4.54 6.95 1.07
O2 SO4 P . 4.26 4.70 1.93
O3 SO4 P . 5.67 5.08 0.01
O4 SO4 P . 6.35 5.81 2.23
S SO4 Q . -3.17 4.84 8.71
O1 SO4 Q . -4.12 3.97 7.97
O2 SO4 Q . -3.91 5.97 9.32
O3 SO4 Q . -2.47 4.08 9.77
O4 SO4 Q . -2.15 5.38 7.78
#